data_4ZYK
#
_entry.id   4ZYK
#
_cell.length_a   69.680
_cell.length_b   95.880
_cell.length_c   145.950
_cell.angle_alpha   90.000
_cell.angle_beta   90.000
_cell.angle_gamma   90.000
#
_symmetry.space_group_name_H-M   'P 21 21 21'
#
loop_
_entity.id
_entity.type
_entity.pdbx_description
1 polymer 'AM14 Fab heavy chain'
2 polymer 'AM14 light chain'
3 non-polymer 'SULFATE ION'
4 non-polymer 1,2-ETHANEDIOL
5 non-polymer 'ACETATE ION'
6 water water
#
loop_
_entity_poly.entity_id
_entity_poly.type
_entity_poly.pdbx_seq_one_letter_code
_entity_poly.pdbx_strand_id
1 'polypeptide(L)'
;EVQLVESGGGVVQPGRSLRLSCAASGFSFSHYAMHWVRQAPGKGLEWVAVISYDGENTYYADSVKGRFSISRDNSKNTVS
LQMNSLRPEDTALYYCARDRIVDDYYYYGMDVWGQGATVTVSSASTKGPSVFPLAPSSKSTSGGTAALGCLVKDYFPEPV
TVSWNSGALTSGVHTFPAVLQSSGLYSLSSVVTVPSSSLGTQTYICNVNHKPSNTKVDKKVEPKSCD
;
H,A
2 'polypeptide(L)'
;DIQMTQSPSSLSASVGDRVTITCQASQDIKKYLNWYHQKPGKVPELLMHDASNLETGVPSRFSGRGSGTDFTLTISSLQP
EDIGTYYCQQYDNLPPLTFGGGTKVEIKRTVAAPSVFIFPPSDEQLKSGTASVVCLLNNFYPREAKVQWKVDNALQSGNS
QESVTEQDSKDSTYSLSSTLTLSKADYEKHKVYACEVTHQGLSSPVTKSFNRGEC
;
L,B
#
# COMPACT_ATOMS: atom_id res chain seq x y z
N VAL A 2 -16.57 24.50 25.26
CA VAL A 2 -17.13 23.15 25.24
C VAL A 2 -16.01 22.11 25.29
N GLN A 3 -16.06 21.24 26.30
CA GLN A 3 -15.00 20.27 26.53
C GLN A 3 -15.47 19.07 27.35
N LEU A 4 -14.99 17.89 26.98
CA LEU A 4 -15.21 16.68 27.77
C LEU A 4 -13.87 16.14 28.24
N VAL A 5 -13.69 16.01 29.54
CA VAL A 5 -12.43 15.55 30.12
C VAL A 5 -12.59 14.19 30.78
N GLU A 6 -11.82 13.21 30.31
CA GLU A 6 -11.91 11.85 30.82
C GLU A 6 -10.81 11.53 31.82
N SER A 7 -11.02 10.45 32.58
CA SER A 7 -10.03 9.99 33.55
C SER A 7 -10.34 8.55 33.95
N GLY A 8 -9.37 7.90 34.57
CA GLY A 8 -9.58 6.57 35.13
C GLY A 8 -8.94 5.42 34.37
N GLY A 9 -8.19 5.71 33.32
CA GLY A 9 -7.54 4.68 32.53
C GLY A 9 -6.43 3.97 33.29
N GLY A 10 -5.75 3.04 32.62
CA GLY A 10 -4.63 2.33 33.21
C GLY A 10 -4.75 0.82 33.09
N VAL A 11 -3.96 0.10 33.88
CA VAL A 11 -3.99 -1.36 33.87
C VAL A 11 -5.11 -1.91 34.73
N VAL A 12 -5.64 -3.05 34.32
CA VAL A 12 -6.61 -3.79 35.11
C VAL A 12 -6.42 -5.28 34.82
N GLN A 13 -6.36 -6.09 35.87
CA GLN A 13 -6.23 -7.53 35.68
C GLN A 13 -7.52 -8.10 35.10
N PRO A 14 -7.41 -9.16 34.29
CA PRO A 14 -8.59 -9.83 33.76
C PRO A 14 -9.53 -10.29 34.87
N GLY A 15 -10.83 -10.07 34.70
CA GLY A 15 -11.81 -10.44 35.70
C GLY A 15 -12.04 -9.35 36.74
N ARG A 16 -11.16 -8.35 36.76
CA ARG A 16 -11.27 -7.27 37.73
C ARG A 16 -12.05 -6.08 37.18
N SER A 17 -12.20 -5.05 38.02
CA SER A 17 -13.05 -3.92 37.70
C SER A 17 -12.27 -2.60 37.56
N LEU A 18 -12.79 -1.70 36.74
CA LEU A 18 -12.20 -0.38 36.56
C LEU A 18 -13.30 0.62 36.21
N ARG A 19 -13.16 1.85 36.71
CA ARG A 19 -14.20 2.85 36.52
C ARG A 19 -13.69 4.04 35.71
N LEU A 20 -14.39 4.34 34.62
CA LEU A 20 -14.07 5.50 33.80
C LEU A 20 -15.01 6.65 34.12
N SER A 21 -14.50 7.86 34.04
CA SER A 21 -15.29 9.05 34.35
C SER A 21 -15.08 10.14 33.30
N CYS A 22 -16.12 10.90 33.03
CA CYS A 22 -16.05 11.98 32.07
C CYS A 22 -16.69 13.25 32.64
N ALA A 23 -15.91 14.33 32.68
CA ALA A 23 -16.41 15.59 33.22
C ALA A 23 -16.67 16.59 32.10
N ALA A 24 -17.79 17.30 32.19
CA ALA A 24 -18.18 18.25 31.15
C ALA A 24 -18.05 19.70 31.62
N SER A 25 -17.77 20.58 30.68
CA SER A 25 -17.71 22.02 30.95
C SER A 25 -17.88 22.80 29.67
N GLY A 26 -18.56 23.93 29.74
CA GLY A 26 -18.74 24.80 28.59
C GLY A 26 -20.09 24.63 27.89
N PHE A 27 -20.95 23.79 28.44
CA PHE A 27 -22.28 23.59 27.87
C PHE A 27 -23.25 23.01 28.89
N SER A 28 -24.55 23.20 28.65
CA SER A 28 -25.58 22.67 29.54
C SER A 28 -25.60 21.15 29.48
N PHE A 29 -24.80 20.54 30.35
CA PHE A 29 -24.59 19.09 30.36
C PHE A 29 -25.85 18.27 30.56
N SER A 30 -26.78 18.80 31.35
CA SER A 30 -27.99 18.06 31.71
C SER A 30 -29.01 17.99 30.57
N HIS A 31 -28.68 18.58 29.44
CA HIS A 31 -29.57 18.59 28.29
C HIS A 31 -29.14 17.57 27.23
N TYR A 32 -27.99 16.94 27.45
CA TYR A 32 -27.42 16.05 26.45
C TYR A 32 -27.31 14.61 26.92
N ALA A 33 -27.66 13.68 26.04
CA ALA A 33 -27.36 12.26 26.27
C ALA A 33 -25.86 12.06 26.11
N MET A 34 -25.32 11.01 26.72
CA MET A 34 -23.89 10.76 26.66
C MET A 34 -23.58 9.32 26.27
N HIS A 35 -22.71 9.17 25.28
CA HIS A 35 -22.29 7.84 24.80
C HIS A 35 -20.90 7.49 25.32
N TRP A 36 -20.62 6.20 25.36
CA TRP A 36 -19.25 5.72 25.42
C TRP A 36 -18.97 4.91 24.17
N VAL A 37 -17.84 5.19 23.53
CA VAL A 37 -17.43 4.52 22.32
C VAL A 37 -15.99 4.06 22.51
N ARG A 38 -15.65 2.87 22.04
CA ARG A 38 -14.28 2.40 22.20
C ARG A 38 -13.62 2.04 20.87
N GLN A 39 -12.30 1.95 20.90
CA GLN A 39 -11.53 1.71 19.70
C GLN A 39 -10.27 0.92 20.04
N ALA A 40 -10.25 -0.34 19.62
CA ALA A 40 -9.07 -1.18 19.78
C ALA A 40 -7.95 -0.64 18.90
N PRO A 41 -6.69 -0.92 19.26
CA PRO A 41 -5.53 -0.46 18.47
C PRO A 41 -5.63 -0.83 16.99
N GLY A 42 -5.64 0.19 16.13
CA GLY A 42 -5.68 0.00 14.69
C GLY A 42 -7.04 -0.39 14.14
N LYS A 43 -8.02 -0.51 15.03
CA LYS A 43 -9.36 -0.97 14.63
C LYS A 43 -10.37 0.17 14.56
N GLY A 44 -11.61 -0.18 14.22
CA GLY A 44 -12.67 0.81 14.05
C GLY A 44 -13.37 1.20 15.34
N LEU A 45 -14.36 2.07 15.20
CA LEU A 45 -15.13 2.56 16.35
C LEU A 45 -16.25 1.60 16.72
N GLU A 46 -16.37 1.29 18.00
CA GLU A 46 -17.42 0.41 18.49
C GLU A 46 -18.22 1.08 19.60
N TRP A 47 -19.53 1.19 19.40
CA TRP A 47 -20.41 1.76 20.41
C TRP A 47 -20.51 0.85 21.63
N VAL A 48 -20.50 1.45 22.82
CA VAL A 48 -20.51 0.68 24.06
C VAL A 48 -21.80 0.87 24.85
N ALA A 49 -22.15 2.13 25.12
CA ALA A 49 -23.31 2.42 25.95
C ALA A 49 -23.78 3.86 25.77
N VAL A 50 -25.03 4.11 26.15
CA VAL A 50 -25.58 5.46 26.14
C VAL A 50 -26.49 5.66 27.35
N ILE A 51 -26.51 6.88 27.87
CA ILE A 51 -27.42 7.23 28.95
C ILE A 51 -28.17 8.51 28.58
N SER A 52 -29.47 8.53 28.84
CA SER A 52 -30.29 9.69 28.49
C SER A 52 -29.93 10.89 29.35
N TYR A 53 -30.45 12.06 28.99
CA TYR A 53 -30.09 13.30 29.67
C TYR A 53 -30.46 13.28 31.16
N ASP A 54 -31.60 12.70 31.48
CA ASP A 54 -32.07 12.64 32.86
C ASP A 54 -31.56 11.38 33.57
N GLY A 55 -30.97 10.47 32.80
CA GLY A 55 -30.41 9.26 33.35
C GLY A 55 -31.43 8.15 33.53
N GLU A 56 -32.63 8.37 33.01
CA GLU A 56 -33.72 7.41 33.18
C GLU A 56 -33.59 6.22 32.23
N ASN A 57 -32.98 6.44 31.07
CA ASN A 57 -32.79 5.36 30.10
C ASN A 57 -31.31 5.06 29.84
N THR A 58 -30.98 3.77 29.81
CA THR A 58 -29.63 3.34 29.48
C THR A 58 -29.68 2.16 28.52
N TYR A 59 -28.71 2.10 27.62
CA TYR A 59 -28.62 0.98 26.69
C TYR A 59 -27.17 0.52 26.56
N TYR A 60 -26.99 -0.76 26.26
CA TYR A 60 -25.66 -1.36 26.22
C TYR A 60 -25.44 -2.23 25.01
N ALA A 61 -24.20 -2.25 24.51
CA ALA A 61 -23.81 -3.26 23.52
C ALA A 61 -23.90 -4.63 24.18
N ASP A 62 -24.36 -5.63 23.43
CA ASP A 62 -24.58 -6.95 23.99
C ASP A 62 -23.32 -7.58 24.59
N SER A 63 -22.16 -7.22 24.04
CA SER A 63 -20.90 -7.80 24.50
C SER A 63 -20.54 -7.34 25.91
N VAL A 64 -21.15 -6.24 26.35
CA VAL A 64 -20.86 -5.71 27.68
C VAL A 64 -22.08 -5.75 28.60
N LYS A 65 -23.19 -6.27 28.11
CA LYS A 65 -24.42 -6.36 28.89
C LYS A 65 -24.19 -7.20 30.15
N GLY A 66 -24.61 -6.67 31.30
CA GLY A 66 -24.44 -7.36 32.56
C GLY A 66 -23.02 -7.23 33.09
N ARG A 67 -22.18 -6.51 32.35
CA ARG A 67 -20.77 -6.37 32.69
C ARG A 67 -20.42 -4.91 32.96
N PHE A 68 -20.94 -4.02 32.10
CA PHE A 68 -20.70 -2.59 32.26
C PHE A 68 -21.95 -1.90 32.78
N SER A 69 -21.77 -0.79 33.47
CA SER A 69 -22.90 0.02 33.91
C SER A 69 -22.59 1.50 33.73
N ILE A 70 -23.47 2.20 33.02
CA ILE A 70 -23.29 3.62 32.77
C ILE A 70 -24.20 4.43 33.69
N SER A 71 -23.67 5.55 34.20
CA SER A 71 -24.45 6.41 35.08
C SER A 71 -23.97 7.85 34.96
N ARG A 72 -24.78 8.78 35.44
CA ARG A 72 -24.44 10.19 35.36
C ARG A 72 -24.94 10.97 36.58
N ASP A 73 -24.32 12.11 36.81
CA ASP A 73 -24.73 13.01 37.88
C ASP A 73 -24.79 14.43 37.34
N ASN A 74 -26.01 14.93 37.12
CA ASN A 74 -26.21 16.22 36.46
C ASN A 74 -25.96 17.42 37.35
N SER A 75 -25.54 17.18 38.60
CA SER A 75 -25.17 18.26 39.49
C SER A 75 -23.66 18.44 39.51
N LYS A 76 -22.94 17.35 39.28
CA LYS A 76 -21.48 17.38 39.22
C LYS A 76 -20.99 17.37 37.78
N ASN A 77 -21.94 17.32 36.85
CA ASN A 77 -21.63 17.30 35.42
C ASN A 77 -20.68 16.19 35.02
N THR A 78 -20.96 14.97 35.49
CA THR A 78 -20.10 13.83 35.20
C THR A 78 -20.88 12.62 34.69
N VAL A 79 -20.27 11.87 33.78
CA VAL A 79 -20.76 10.56 33.38
C VAL A 79 -19.71 9.52 33.74
N SER A 80 -20.16 8.36 34.20
CA SER A 80 -19.25 7.31 34.61
C SER A 80 -19.53 6.00 33.90
N LEU A 81 -18.47 5.24 33.62
CA LEU A 81 -18.62 3.90 33.08
C LEU A 81 -17.95 2.89 34.00
N GLN A 82 -18.76 2.15 34.75
CA GLN A 82 -18.25 1.11 35.63
C GLN A 82 -18.07 -0.18 34.83
N MET A 83 -16.83 -0.65 34.74
CA MET A 83 -16.52 -1.83 33.94
C MET A 83 -16.08 -3.00 34.82
N ASN A 84 -16.87 -4.07 34.83
CA ASN A 84 -16.60 -5.24 35.65
C ASN A 84 -16.20 -6.46 34.84
N SER A 85 -15.58 -7.42 35.51
CA SER A 85 -15.07 -8.67 34.92
C SER A 85 -14.51 -8.47 33.51
N LEU A 86 -13.47 -7.65 33.42
CA LEU A 86 -12.93 -7.25 32.14
C LEU A 86 -12.21 -8.38 31.41
N ARG A 87 -12.23 -8.30 30.08
CA ARG A 87 -11.68 -9.34 29.22
C ARG A 87 -10.61 -8.72 28.32
N PRO A 88 -9.70 -9.54 27.76
CA PRO A 88 -8.68 -9.05 26.84
C PRO A 88 -9.26 -8.22 25.69
N GLU A 89 -10.49 -8.54 25.28
CA GLU A 89 -11.14 -7.83 24.19
C GLU A 89 -11.61 -6.43 24.61
N ASP A 90 -11.51 -6.14 25.91
CA ASP A 90 -11.92 -4.83 26.42
C ASP A 90 -10.77 -3.83 26.37
N THR A 91 -9.57 -4.31 26.09
CA THR A 91 -8.41 -3.44 25.93
C THR A 91 -8.62 -2.52 24.73
N ALA A 92 -8.74 -1.23 25.00
CA ALA A 92 -9.07 -0.26 23.96
C ALA A 92 -8.96 1.16 24.48
N LEU A 93 -9.03 2.12 23.56
CA LEU A 93 -9.20 3.51 23.90
C LEU A 93 -10.70 3.78 24.06
N TYR A 94 -11.09 4.38 25.17
CA TYR A 94 -12.50 4.64 25.44
C TYR A 94 -12.81 6.13 25.37
N TYR A 95 -13.75 6.50 24.51
CA TYR A 95 -14.21 7.88 24.40
C TYR A 95 -15.58 8.05 25.03
N CYS A 96 -15.81 9.20 25.66
CA CYS A 96 -17.16 9.61 25.99
C CYS A 96 -17.56 10.68 24.98
N ALA A 97 -18.82 10.71 24.58
CA ALA A 97 -19.27 11.62 23.53
C ALA A 97 -20.68 12.14 23.77
N ARG A 98 -20.89 13.39 23.40
CA ARG A 98 -22.15 14.11 23.63
C ARG A 98 -23.17 13.85 22.53
N ASP A 99 -24.46 13.86 22.90
CA ASP A 99 -25.55 13.66 21.94
C ASP A 99 -26.85 14.30 22.43
N ARG A 100 -27.76 14.60 21.51
CA ARG A 100 -29.04 15.23 21.87
C ARG A 100 -30.17 14.73 20.98
N ILE A 101 -31.35 14.53 21.58
CA ILE A 101 -32.55 14.09 20.88
C ILE A 101 -33.05 15.11 19.85
N VAL A 102 -33.35 14.65 18.64
CA VAL A 102 -33.99 15.48 17.63
C VAL A 102 -35.24 14.79 17.08
N TYR A 106 -34.76 10.72 17.85
CA TYR A 106 -33.53 10.41 17.15
C TYR A 106 -32.32 11.07 17.79
N TYR A 107 -31.26 10.30 17.97
CA TYR A 107 -29.99 10.84 18.46
C TYR A 107 -29.25 11.52 17.32
N TYR A 108 -29.11 12.83 17.42
CA TYR A 108 -28.47 13.67 16.42
C TYR A 108 -27.13 13.12 15.93
N GLY A 109 -26.23 12.88 16.87
CA GLY A 109 -24.90 12.41 16.56
C GLY A 109 -23.91 12.94 17.58
N MET A 110 -22.71 12.36 17.59
CA MET A 110 -21.68 12.76 18.54
C MET A 110 -20.81 13.88 17.98
N ASP A 111 -21.07 15.10 18.42
CA ASP A 111 -20.36 16.26 17.89
C ASP A 111 -19.21 16.70 18.79
N VAL A 112 -19.22 16.25 20.04
CA VAL A 112 -18.14 16.58 20.98
C VAL A 112 -17.61 15.31 21.65
N TRP A 113 -16.29 15.10 21.56
CA TRP A 113 -15.66 13.89 22.06
C TRP A 113 -14.61 14.19 23.13
N GLY A 114 -14.52 13.31 24.12
CA GLY A 114 -13.42 13.37 25.08
C GLY A 114 -12.13 12.91 24.41
N GLN A 115 -11.00 13.16 25.04
CA GLN A 115 -9.71 12.83 24.44
C GLN A 115 -9.40 11.34 24.53
N GLY A 116 -10.18 10.62 25.32
CA GLY A 116 -10.04 9.18 25.40
C GLY A 116 -9.23 8.70 26.58
N ALA A 117 -9.60 7.53 27.09
CA ALA A 117 -8.88 6.90 28.18
C ALA A 117 -8.39 5.52 27.74
N THR A 118 -7.10 5.25 27.96
CA THR A 118 -6.53 3.97 27.54
C THR A 118 -6.67 2.92 28.63
N VAL A 119 -7.46 1.89 28.35
CA VAL A 119 -7.65 0.79 29.28
C VAL A 119 -6.93 -0.46 28.78
N THR A 120 -6.00 -0.97 29.59
CA THR A 120 -5.23 -2.14 29.22
C THR A 120 -5.51 -3.30 30.16
N VAL A 121 -6.08 -4.38 29.63
CA VAL A 121 -6.36 -5.56 30.43
C VAL A 121 -5.12 -6.46 30.46
N SER A 122 -4.46 -6.50 31.61
CA SER A 122 -3.21 -7.22 31.75
C SER A 122 -2.91 -7.51 33.22
N SER A 123 -2.13 -8.55 33.46
CA SER A 123 -1.70 -8.89 34.81
C SER A 123 -0.34 -8.26 35.10
N ALA A 124 0.20 -7.54 34.12
CA ALA A 124 1.48 -6.87 34.27
C ALA A 124 1.35 -5.63 35.15
N SER A 125 2.41 -5.31 35.88
CA SER A 125 2.40 -4.18 36.79
C SER A 125 2.74 -2.86 36.10
N THR A 126 2.23 -1.77 36.65
CA THR A 126 2.51 -0.44 36.13
C THR A 126 3.95 -0.02 36.43
N LYS A 127 4.67 0.41 35.40
CA LYS A 127 6.03 0.90 35.57
C LYS A 127 6.24 2.22 34.84
N GLY A 128 6.91 3.16 35.51
CA GLY A 128 7.25 4.44 34.91
C GLY A 128 8.46 4.32 34.01
N PRO A 129 8.58 5.22 33.03
CA PRO A 129 9.68 5.15 32.07
C PRO A 129 10.95 5.85 32.55
N SER A 130 12.06 5.51 31.91
CA SER A 130 13.28 6.29 32.04
C SER A 130 13.49 7.04 30.72
N VAL A 131 14.03 8.26 30.79
CA VAL A 131 14.17 9.07 29.59
C VAL A 131 15.64 9.39 29.31
N PHE A 132 16.12 8.93 28.17
CA PHE A 132 17.51 9.17 27.77
C PHE A 132 17.56 10.10 26.57
N PRO A 133 18.57 10.96 26.51
CA PRO A 133 18.69 11.88 25.39
C PRO A 133 19.22 11.21 24.12
N LEU A 134 18.70 11.62 22.98
CA LEU A 134 19.28 11.27 21.69
C LEU A 134 20.04 12.50 21.20
N ALA A 135 21.33 12.54 21.53
CA ALA A 135 22.13 13.74 21.34
C ALA A 135 22.47 14.00 19.87
N PRO A 136 22.34 15.27 19.46
CA PRO A 136 22.75 15.66 18.11
C PRO A 136 24.27 15.79 18.03
N SER A 137 24.84 15.41 16.88
CA SER A 137 26.28 15.52 16.68
C SER A 137 26.60 15.63 15.19
N SER A 138 27.73 15.06 14.78
CA SER A 138 28.09 15.04 13.38
C SER A 138 27.98 13.62 12.82
N GLY A 144 22.96 21.22 7.05
CA GLY A 144 22.23 22.37 7.53
C GLY A 144 21.15 22.00 8.54
N THR A 145 20.74 20.74 8.52
CA THR A 145 19.72 20.24 9.43
C THR A 145 20.27 19.16 10.36
N ALA A 146 20.03 19.32 11.66
CA ALA A 146 20.43 18.32 12.64
C ALA A 146 19.20 17.67 13.25
N ALA A 147 19.38 16.49 13.84
CA ALA A 147 18.29 15.80 14.52
C ALA A 147 18.67 15.47 15.95
N LEU A 148 17.71 15.63 16.86
CA LEU A 148 17.91 15.29 18.26
C LEU A 148 16.63 14.66 18.80
N GLY A 149 16.69 14.11 20.00
CA GLY A 149 15.50 13.49 20.56
C GLY A 149 15.62 12.96 21.98
N CYS A 150 14.58 12.23 22.37
CA CYS A 150 14.52 11.59 23.68
C CYS A 150 14.07 10.15 23.52
N LEU A 151 14.76 9.25 24.20
CA LEU A 151 14.38 7.85 24.23
C LEU A 151 13.59 7.56 25.50
N VAL A 152 12.34 7.13 25.33
CA VAL A 152 11.48 6.83 26.47
C VAL A 152 11.35 5.31 26.61
N LYS A 153 12.06 4.75 27.57
CA LYS A 153 12.26 3.31 27.61
C LYS A 153 11.64 2.64 28.84
N ASP A 154 11.07 1.45 28.63
CA ASP A 154 10.61 0.55 29.69
C ASP A 154 9.50 1.13 30.57
N TYR A 155 8.31 1.28 30.00
CA TYR A 155 7.15 1.70 30.78
C TYR A 155 5.95 0.80 30.50
N PHE A 156 4.95 0.90 31.37
CA PHE A 156 3.73 0.11 31.24
C PHE A 156 2.65 0.70 32.13
N PRO A 157 1.43 0.87 31.61
CA PRO A 157 1.02 0.56 30.23
C PRO A 157 1.15 1.79 29.35
N GLU A 158 0.56 1.73 28.15
CA GLU A 158 0.42 2.92 27.32
C GLU A 158 -0.63 3.84 27.97
N PRO A 159 -0.60 5.14 27.64
CA PRO A 159 0.39 5.82 26.80
C PRO A 159 1.33 6.74 27.57
N VAL A 160 2.35 7.21 26.90
CA VAL A 160 3.11 8.37 27.36
C VAL A 160 2.93 9.49 26.35
N THR A 161 2.98 10.72 26.82
CA THR A 161 2.93 11.87 25.92
C THR A 161 4.26 12.59 25.97
N VAL A 162 4.70 13.10 24.82
CA VAL A 162 5.95 13.84 24.75
C VAL A 162 5.73 15.17 24.06
N SER A 163 6.21 16.24 24.69
CA SER A 163 6.24 17.55 24.06
C SER A 163 7.66 18.10 24.11
N TRP A 164 7.91 19.17 23.37
CA TRP A 164 9.23 19.78 23.35
C TRP A 164 9.15 21.24 23.72
N ASN A 165 10.01 21.67 24.64
CA ASN A 165 10.02 23.03 25.16
C ASN A 165 8.63 23.48 25.61
N SER A 166 7.96 22.61 26.35
CA SER A 166 6.63 22.88 26.90
C SER A 166 5.58 23.19 25.82
N GLY A 167 5.79 22.64 24.63
CA GLY A 167 4.83 22.80 23.55
C GLY A 167 5.15 23.92 22.58
N ALA A 168 6.20 24.68 22.87
CA ALA A 168 6.60 25.78 22.02
C ALA A 168 7.28 25.29 20.74
N LEU A 169 7.71 24.02 20.76
CA LEU A 169 8.36 23.43 19.61
C LEU A 169 7.55 22.26 19.07
N THR A 170 6.88 22.46 17.94
CA THR A 170 6.04 21.44 17.35
C THR A 170 6.46 21.09 15.93
N SER A 171 6.99 22.07 15.21
CA SER A 171 7.41 21.86 13.83
C SER A 171 8.61 20.90 13.74
N GLY A 172 8.46 19.86 12.93
CA GLY A 172 9.52 18.89 12.73
C GLY A 172 9.58 17.83 13.81
N VAL A 173 8.60 17.83 14.71
CA VAL A 173 8.56 16.85 15.79
C VAL A 173 7.90 15.55 15.34
N HIS A 174 8.57 14.43 15.57
CA HIS A 174 8.00 13.12 15.31
C HIS A 174 8.05 12.25 16.56
N THR A 175 6.88 11.96 17.13
CA THR A 175 6.81 11.04 18.25
C THR A 175 6.31 9.69 17.77
N PHE A 176 7.19 8.70 17.80
CA PHE A 176 6.89 7.39 17.23
C PHE A 176 5.96 6.57 18.11
N PRO A 177 5.08 5.77 17.50
CA PRO A 177 4.25 4.84 18.25
C PRO A 177 5.10 3.87 19.05
N ALA A 178 4.65 3.53 20.25
CA ALA A 178 5.41 2.66 21.13
C ALA A 178 5.54 1.26 20.55
N VAL A 179 6.66 0.60 20.85
CA VAL A 179 6.81 -0.80 20.50
C VAL A 179 6.87 -1.62 21.78
N LEU A 180 6.28 -2.80 21.75
CA LEU A 180 6.31 -3.70 22.89
C LEU A 180 7.59 -4.53 22.85
N GLN A 181 8.45 -4.32 23.84
CA GLN A 181 9.69 -5.06 23.92
C GLN A 181 9.44 -6.50 24.40
N SER A 182 10.44 -7.36 24.23
CA SER A 182 10.32 -8.75 24.64
C SER A 182 10.15 -8.90 26.14
N SER A 183 10.54 -7.86 26.88
CA SER A 183 10.41 -7.83 28.32
C SER A 183 8.97 -7.60 28.76
N GLY A 184 8.11 -7.21 27.81
CA GLY A 184 6.72 -6.93 28.11
C GLY A 184 6.52 -5.45 28.42
N LEU A 185 7.58 -4.67 28.23
CA LEU A 185 7.52 -3.24 28.49
C LEU A 185 7.54 -2.44 27.20
N TYR A 186 6.92 -1.26 27.23
CA TYR A 186 6.88 -0.38 26.05
C TYR A 186 8.09 0.53 26.00
N SER A 187 8.42 0.96 24.78
CA SER A 187 9.48 1.93 24.57
C SER A 187 9.16 2.75 23.31
N LEU A 188 9.47 4.04 23.35
CA LEU A 188 9.33 4.86 22.15
C LEU A 188 10.41 5.94 22.09
N SER A 189 10.47 6.62 20.95
CA SER A 189 11.37 7.75 20.78
C SER A 189 10.60 8.94 20.24
N SER A 190 11.05 10.14 20.62
CA SER A 190 10.52 11.36 20.04
C SER A 190 11.68 12.16 19.49
N VAL A 191 11.61 12.53 18.22
CA VAL A 191 12.71 13.24 17.59
C VAL A 191 12.27 14.58 17.03
N VAL A 192 13.23 15.49 16.89
CA VAL A 192 13.00 16.80 16.29
C VAL A 192 14.15 17.14 15.35
N THR A 193 13.82 17.66 14.17
CA THR A 193 14.85 18.19 13.28
C THR A 193 14.95 19.70 13.46
N VAL A 194 16.17 20.18 13.65
CA VAL A 194 16.43 21.61 13.85
C VAL A 194 17.60 22.05 13.00
N PRO A 195 17.71 23.36 12.71
CA PRO A 195 18.91 23.84 12.01
C PRO A 195 20.17 23.56 12.81
N SER A 196 21.23 23.12 12.13
CA SER A 196 22.46 22.73 12.80
C SER A 196 23.17 23.92 13.44
N SER A 197 22.93 25.12 12.92
CA SER A 197 23.52 26.33 13.46
C SER A 197 22.86 26.74 14.77
N SER A 198 21.72 26.13 15.07
CA SER A 198 20.98 26.44 16.28
C SER A 198 21.50 25.66 17.48
N LEU A 199 22.35 24.68 17.22
CA LEU A 199 22.92 23.85 18.28
C LEU A 199 23.91 24.64 19.13
N GLY A 200 23.77 24.55 20.45
CA GLY A 200 24.62 25.29 21.37
C GLY A 200 24.21 26.75 21.46
N THR A 201 23.10 27.09 20.80
CA THR A 201 22.59 28.45 20.79
C THR A 201 21.17 28.46 21.34
N GLN A 202 20.46 27.34 21.18
CA GLN A 202 19.08 27.24 21.61
C GLN A 202 18.86 26.04 22.52
N THR A 203 17.91 26.16 23.44
CA THR A 203 17.65 25.12 24.42
C THR A 203 16.57 24.14 23.94
N TYR A 204 16.88 22.85 23.99
CA TYR A 204 15.92 21.83 23.63
C TYR A 204 15.65 20.89 24.79
N ILE A 205 14.42 20.88 25.26
CA ILE A 205 14.01 20.06 26.38
C ILE A 205 12.79 19.22 26.04
N CYS A 206 12.89 17.91 26.24
CA CYS A 206 11.75 17.03 26.00
C CYS A 206 10.96 16.87 27.30
N ASN A 207 9.64 17.02 27.19
CA ASN A 207 8.76 16.89 28.34
C ASN A 207 7.97 15.60 28.24
N VAL A 208 8.23 14.68 29.18
CA VAL A 208 7.62 13.35 29.13
C VAL A 208 6.63 13.14 30.26
N ASN A 209 5.43 12.68 29.91
CA ASN A 209 4.40 12.41 30.91
C ASN A 209 3.85 11.00 30.78
N HIS A 210 3.90 10.26 31.89
CA HIS A 210 3.29 8.93 31.96
C HIS A 210 2.31 8.91 33.13
N LYS A 211 1.07 9.31 32.85
CA LYS A 211 0.04 9.44 33.87
C LYS A 211 -0.23 8.18 34.73
N PRO A 212 -0.25 6.97 34.12
CA PRO A 212 -0.47 5.79 34.95
C PRO A 212 0.49 5.65 36.15
N SER A 213 1.76 5.98 35.94
CA SER A 213 2.73 5.90 37.02
C SER A 213 2.97 7.26 37.65
N ASN A 214 2.20 8.26 37.20
CA ASN A 214 2.34 9.64 37.64
C ASN A 214 3.79 10.15 37.51
N THR A 215 4.44 9.76 36.43
CA THR A 215 5.83 10.13 36.18
C THR A 215 5.91 11.33 35.24
N LYS A 216 6.55 12.40 35.70
CA LYS A 216 6.71 13.61 34.90
C LYS A 216 8.19 13.97 34.83
N VAL A 217 8.74 13.98 33.61
CA VAL A 217 10.18 14.17 33.43
C VAL A 217 10.50 15.22 32.36
N ASP A 218 11.40 16.14 32.70
CA ASP A 218 11.93 17.10 31.74
C ASP A 218 13.41 16.83 31.50
N LYS A 219 13.78 16.60 30.24
CA LYS A 219 15.16 16.25 29.92
C LYS A 219 15.74 17.19 28.87
N LYS A 220 16.77 17.94 29.27
CA LYS A 220 17.47 18.83 28.37
C LYS A 220 18.42 18.03 27.48
N VAL A 221 18.28 18.22 26.17
CA VAL A 221 19.09 17.47 25.20
C VAL A 221 20.17 18.37 24.60
N GLU A 222 21.42 18.01 24.81
CA GLU A 222 22.56 18.82 24.39
C GLU A 222 23.46 18.08 23.41
N PRO A 223 24.24 18.84 22.60
CA PRO A 223 25.18 18.21 21.67
C PRO A 223 26.27 17.42 22.40
N ASP B 1 -29.22 -5.88 14.22
CA ASP B 1 -28.95 -4.45 14.10
C ASP B 1 -28.96 -4.03 12.63
N ILE B 2 -28.64 -2.76 12.39
CA ILE B 2 -28.49 -2.28 11.02
C ILE B 2 -27.01 -2.25 10.65
N GLN B 3 -26.62 -3.16 9.78
CA GLN B 3 -25.22 -3.32 9.39
C GLN B 3 -24.80 -2.24 8.39
N MET B 4 -23.72 -1.54 8.69
CA MET B 4 -23.19 -0.52 7.81
C MET B 4 -21.90 -0.99 7.13
N THR B 5 -21.92 -1.03 5.80
CA THR B 5 -20.76 -1.46 5.03
C THR B 5 -20.14 -0.29 4.27
N GLN B 6 -18.83 -0.09 4.44
CA GLN B 6 -18.13 0.99 3.76
C GLN B 6 -17.19 0.48 2.68
N SER B 7 -17.05 1.27 1.62
CA SER B 7 -16.15 0.93 0.53
C SER B 7 -15.56 2.21 -0.05
N PRO B 8 -14.30 2.17 -0.47
CA PRO B 8 -13.39 1.02 -0.36
C PRO B 8 -12.83 0.88 1.07
N SER B 9 -12.04 -0.16 1.31
CA SER B 9 -11.41 -0.35 2.60
C SER B 9 -10.32 0.70 2.81
N SER B 10 -9.57 0.98 1.75
CA SER B 10 -8.56 2.02 1.78
C SER B 10 -8.29 2.55 0.38
N LEU B 11 -7.75 3.76 0.30
CA LEU B 11 -7.42 4.35 -0.98
C LEU B 11 -6.25 5.31 -0.87
N SER B 12 -5.59 5.51 -2.00
CA SER B 12 -4.51 6.48 -2.13
C SER B 12 -4.86 7.48 -3.22
N ALA B 13 -4.77 8.77 -2.92
CA ALA B 13 -5.13 9.80 -3.89
C ALA B 13 -4.22 11.01 -3.75
N SER B 14 -4.17 11.85 -4.78
CA SER B 14 -3.30 13.01 -4.80
C SER B 14 -3.99 14.26 -4.26
N VAL B 15 -3.18 15.22 -3.81
CA VAL B 15 -3.70 16.49 -3.32
C VAL B 15 -4.48 17.21 -4.41
N GLY B 16 -5.69 17.65 -4.07
CA GLY B 16 -6.53 18.35 -5.02
C GLY B 16 -7.49 17.44 -5.77
N ASP B 17 -7.33 16.13 -5.60
CA ASP B 17 -8.19 15.17 -6.29
C ASP B 17 -9.63 15.19 -5.78
N ARG B 18 -10.55 14.79 -6.65
CA ARG B 18 -11.94 14.58 -6.25
C ARG B 18 -12.14 13.10 -5.95
N VAL B 19 -12.43 12.77 -4.69
CA VAL B 19 -12.54 11.39 -4.27
C VAL B 19 -13.91 11.10 -3.66
N THR B 20 -14.46 9.93 -3.98
CA THR B 20 -15.76 9.53 -3.47
C THR B 20 -15.69 8.19 -2.75
N ILE B 21 -16.26 8.13 -1.55
CA ILE B 21 -16.35 6.87 -0.83
C ILE B 21 -17.82 6.49 -0.60
N THR B 22 -18.06 5.22 -0.34
CA THR B 22 -19.41 4.66 -0.35
C THR B 22 -19.79 4.04 0.98
N CYS B 23 -21.05 4.23 1.39
CA CYS B 23 -21.60 3.61 2.58
C CYS B 23 -22.91 2.91 2.22
N GLN B 24 -23.08 1.70 2.71
CA GLN B 24 -24.29 0.93 2.41
C GLN B 24 -24.94 0.36 3.66
N ALA B 25 -26.25 0.58 3.79
CA ALA B 25 -27.01 0.08 4.94
C ALA B 25 -27.74 -1.22 4.60
N SER B 26 -27.85 -2.10 5.58
CA SER B 26 -28.48 -3.41 5.37
C SER B 26 -29.99 -3.30 5.18
N GLN B 27 -30.57 -2.19 5.66
CA GLN B 27 -31.99 -1.91 5.44
C GLN B 27 -32.18 -0.40 5.29
N ASP B 28 -33.38 0.01 4.91
CA ASP B 28 -33.66 1.42 4.64
C ASP B 28 -33.52 2.27 5.91
N ILE B 29 -32.70 3.31 5.82
CA ILE B 29 -32.52 4.23 6.94
C ILE B 29 -32.84 5.66 6.52
N LYS B 30 -33.52 5.79 5.39
CA LYS B 30 -33.88 7.10 4.83
C LYS B 30 -32.64 7.97 4.66
N LYS B 31 -32.57 9.08 5.39
CA LYS B 31 -31.38 9.91 5.36
C LYS B 31 -30.76 10.07 6.74
N TYR B 32 -31.06 9.13 7.63
CA TYR B 32 -30.52 9.18 8.99
C TYR B 32 -29.11 8.62 9.05
N LEU B 33 -28.17 9.34 8.45
CA LEU B 33 -26.78 8.91 8.40
C LEU B 33 -25.82 10.04 8.74
N ASN B 34 -24.83 9.75 9.58
CA ASN B 34 -23.76 10.68 9.89
C ASN B 34 -22.44 10.24 9.26
N TRP B 35 -21.57 11.19 8.95
CA TRP B 35 -20.20 10.89 8.55
C TRP B 35 -19.20 11.49 9.53
N TYR B 36 -18.20 10.70 9.91
CA TYR B 36 -17.15 11.17 10.82
C TYR B 36 -15.78 11.06 10.15
N HIS B 37 -14.88 11.98 10.50
CA HIS B 37 -13.50 11.90 10.06
C HIS B 37 -12.58 11.80 11.27
N GLN B 38 -11.72 10.79 11.30
CA GLN B 38 -10.74 10.67 12.36
C GLN B 38 -9.33 10.79 11.80
N LYS B 39 -8.67 11.90 12.13
CA LYS B 39 -7.29 12.11 11.75
C LYS B 39 -6.40 11.24 12.62
N PRO B 40 -5.21 10.88 12.11
CA PRO B 40 -4.27 10.07 12.89
C PRO B 40 -3.94 10.70 14.25
N GLY B 41 -4.17 9.95 15.32
CA GLY B 41 -3.85 10.42 16.66
C GLY B 41 -4.87 11.37 17.27
N LYS B 42 -6.00 11.53 16.59
CA LYS B 42 -7.03 12.47 17.04
C LYS B 42 -8.37 11.80 17.28
N VAL B 43 -9.29 12.52 17.92
CA VAL B 43 -10.64 12.01 18.17
C VAL B 43 -11.46 12.17 16.90
N PRO B 44 -12.51 11.34 16.74
CA PRO B 44 -13.40 11.47 15.58
C PRO B 44 -14.08 12.83 15.52
N GLU B 45 -14.29 13.33 14.31
CA GLU B 45 -14.96 14.61 14.09
C GLU B 45 -16.20 14.45 13.23
N LEU B 46 -17.33 14.93 13.71
CA LEU B 46 -18.57 14.87 12.94
C LEU B 46 -18.51 15.82 11.75
N LEU B 47 -18.56 15.27 10.55
CA LEU B 47 -18.49 16.07 9.33
C LEU B 47 -19.87 16.55 8.89
N MET B 48 -20.84 15.64 8.92
CA MET B 48 -22.18 15.99 8.45
C MET B 48 -23.24 15.06 9.01
N HIS B 49 -24.48 15.57 9.04
CA HIS B 49 -25.62 14.79 9.51
C HIS B 49 -26.72 14.81 8.46
N ASP B 50 -27.72 13.95 8.64
CA ASP B 50 -28.82 13.84 7.70
C ASP B 50 -28.31 13.60 6.28
N ALA B 51 -27.27 12.77 6.18
CA ALA B 51 -26.66 12.35 4.92
C ALA B 51 -25.95 13.46 4.14
N SER B 52 -26.46 14.70 4.20
CA SER B 52 -25.93 15.74 3.32
C SER B 52 -25.75 17.13 3.95
N ASN B 53 -26.03 17.26 5.24
CA ASN B 53 -25.93 18.58 5.88
C ASN B 53 -24.63 18.77 6.66
N LEU B 54 -23.76 19.64 6.17
CA LEU B 54 -22.46 19.90 6.78
C LEU B 54 -22.59 20.55 8.15
N GLU B 55 -21.80 20.09 9.10
CA GLU B 55 -21.67 20.75 10.39
C GLU B 55 -21.01 22.11 10.18
N THR B 56 -21.31 23.06 11.05
CA THR B 56 -20.68 24.38 10.96
C THR B 56 -19.17 24.27 11.22
N GLY B 57 -18.38 24.94 10.39
CA GLY B 57 -16.93 24.89 10.52
C GLY B 57 -16.28 23.88 9.60
N VAL B 58 -17.06 22.92 9.11
CA VAL B 58 -16.56 21.88 8.23
C VAL B 58 -16.27 22.45 6.82
N PRO B 59 -15.09 22.16 6.28
CA PRO B 59 -14.66 22.66 4.96
C PRO B 59 -15.67 22.32 3.85
N SER B 60 -15.85 23.24 2.91
CA SER B 60 -16.88 23.09 1.88
C SER B 60 -16.61 21.95 0.91
N ARG B 61 -15.38 21.46 0.86
CA ARG B 61 -15.02 20.42 -0.09
C ARG B 61 -15.67 19.07 0.24
N PHE B 62 -16.25 18.97 1.43
CA PHE B 62 -16.99 17.76 1.82
C PHE B 62 -18.46 17.87 1.43
N SER B 63 -18.99 16.81 0.82
CA SER B 63 -20.41 16.75 0.49
C SER B 63 -20.92 15.32 0.53
N GLY B 64 -22.15 15.15 0.99
CA GLY B 64 -22.74 13.84 1.11
C GLY B 64 -23.99 13.72 0.26
N ARG B 65 -24.28 12.51 -0.20
CA ARG B 65 -25.46 12.23 -1.00
C ARG B 65 -26.05 10.87 -0.65
N GLY B 66 -27.26 10.63 -1.11
CA GLY B 66 -27.88 9.32 -0.96
C GLY B 66 -29.08 9.28 -0.03
N SER B 67 -29.86 8.20 -0.15
CA SER B 67 -31.01 7.97 0.70
C SER B 67 -31.36 6.49 0.65
N GLY B 68 -32.09 6.02 1.67
CA GLY B 68 -32.46 4.62 1.73
C GLY B 68 -31.33 3.76 2.25
N THR B 69 -30.60 3.13 1.33
CA THR B 69 -29.55 2.18 1.71
C THR B 69 -28.18 2.50 1.12
N ASP B 70 -28.12 3.44 0.17
CA ASP B 70 -26.86 3.74 -0.51
C ASP B 70 -26.47 5.20 -0.37
N PHE B 71 -25.27 5.43 0.16
CA PHE B 71 -24.79 6.79 0.42
C PHE B 71 -23.35 6.99 -0.05
N THR B 72 -23.00 8.24 -0.33
CA THR B 72 -21.63 8.57 -0.70
C THR B 72 -21.14 9.80 0.05
N LEU B 73 -19.84 9.82 0.32
CA LEU B 73 -19.16 11.02 0.78
C LEU B 73 -18.13 11.39 -0.27
N THR B 74 -18.17 12.65 -0.71
CA THR B 74 -17.24 13.11 -1.73
C THR B 74 -16.36 14.24 -1.19
N ILE B 75 -15.06 14.14 -1.47
CA ILE B 75 -14.14 15.24 -1.22
C ILE B 75 -13.71 15.83 -2.56
N SER B 76 -14.08 17.08 -2.82
CA SER B 76 -13.88 17.66 -4.15
C SER B 76 -12.47 18.16 -4.38
N SER B 77 -11.70 18.33 -3.30
CA SER B 77 -10.36 18.88 -3.39
C SER B 77 -9.48 18.40 -2.24
N LEU B 78 -9.03 17.16 -2.34
CA LEU B 78 -8.31 16.49 -1.24
C LEU B 78 -7.11 17.28 -0.73
N GLN B 79 -7.07 17.46 0.60
CA GLN B 79 -5.99 18.19 1.26
C GLN B 79 -5.13 17.22 2.09
N PRO B 80 -3.86 17.59 2.36
CA PRO B 80 -2.97 16.71 3.13
C PRO B 80 -3.56 16.29 4.48
N GLU B 81 -4.33 17.18 5.10
CA GLU B 81 -4.91 16.91 6.41
C GLU B 81 -6.15 16.02 6.33
N ASP B 82 -6.58 15.67 5.13
CA ASP B 82 -7.77 14.83 4.96
C ASP B 82 -7.46 13.34 5.12
N ILE B 83 -6.20 13.02 5.41
CA ILE B 83 -5.83 11.64 5.67
C ILE B 83 -6.47 11.14 6.95
N GLY B 84 -6.47 9.82 7.12
CA GLY B 84 -7.06 9.21 8.29
C GLY B 84 -8.17 8.27 7.89
N THR B 85 -9.16 8.10 8.77
CA THR B 85 -10.25 7.17 8.52
C THR B 85 -11.60 7.87 8.58
N TYR B 86 -12.46 7.53 7.62
CA TYR B 86 -13.80 8.08 7.57
C TYR B 86 -14.81 7.01 7.97
N TYR B 87 -15.75 7.37 8.84
CA TYR B 87 -16.76 6.44 9.31
C TYR B 87 -18.16 6.96 9.01
N CYS B 88 -19.04 6.09 8.55
CA CYS B 88 -20.45 6.43 8.47
C CYS B 88 -21.14 5.87 9.71
N GLN B 89 -22.28 6.45 10.07
CA GLN B 89 -23.01 6.01 11.25
C GLN B 89 -24.50 6.27 11.09
N GLN B 90 -25.30 5.22 11.26
CA GLN B 90 -26.76 5.36 11.14
C GLN B 90 -27.37 5.67 12.50
N TYR B 91 -28.42 6.50 12.50
CA TYR B 91 -29.14 6.79 13.73
C TYR B 91 -30.64 6.64 13.50
N ASP B 92 -30.98 5.80 12.53
CA ASP B 92 -32.37 5.43 12.28
C ASP B 92 -32.87 4.53 13.40
N ASN B 93 -31.95 3.82 14.04
CA ASN B 93 -32.30 2.87 15.08
C ASN B 93 -31.26 2.80 16.19
N LEU B 94 -31.73 2.71 17.43
CA LEU B 94 -30.88 2.53 18.60
C LEU B 94 -31.70 1.85 19.69
N PRO B 95 -31.14 0.83 20.36
CA PRO B 95 -29.78 0.29 20.23
C PRO B 95 -29.70 -0.89 19.27
N PRO B 96 -28.48 -1.25 18.82
CA PRO B 96 -27.24 -0.52 19.08
C PRO B 96 -26.96 0.54 18.03
N LEU B 97 -26.19 1.55 18.39
CA LEU B 97 -25.71 2.51 17.42
C LEU B 97 -24.56 1.84 16.67
N THR B 98 -24.56 1.93 15.34
CA THR B 98 -23.60 1.18 14.55
C THR B 98 -22.79 2.06 13.61
N PHE B 99 -21.48 1.84 13.60
CA PHE B 99 -20.57 2.49 12.67
C PHE B 99 -20.25 1.57 11.51
N GLY B 100 -19.87 2.14 10.37
CA GLY B 100 -19.28 1.36 9.30
C GLY B 100 -17.88 0.96 9.71
N GLY B 101 -17.23 0.11 8.91
CA GLY B 101 -15.91 -0.39 9.24
C GLY B 101 -14.81 0.63 9.01
N GLY B 102 -15.14 1.72 8.35
CA GLY B 102 -14.20 2.79 8.09
C GLY B 102 -13.49 2.70 6.75
N THR B 103 -13.16 3.85 6.18
CA THR B 103 -12.37 3.90 4.96
C THR B 103 -11.10 4.68 5.23
N LYS B 104 -9.95 4.05 5.00
CA LYS B 104 -8.66 4.70 5.22
C LYS B 104 -8.25 5.51 4.00
N VAL B 105 -7.77 6.73 4.23
CA VAL B 105 -7.32 7.60 3.15
C VAL B 105 -5.85 7.96 3.30
N GLU B 106 -5.08 7.71 2.24
CA GLU B 106 -3.67 8.05 2.21
C GLU B 106 -3.40 9.01 1.06
N ILE B 107 -2.42 9.90 1.24
CA ILE B 107 -2.02 10.81 0.17
C ILE B 107 -0.91 10.22 -0.67
N LYS B 108 -1.10 10.19 -1.98
CA LYS B 108 -0.03 9.86 -2.91
C LYS B 108 0.73 11.14 -3.27
N ARG B 109 2.03 11.14 -3.05
CA ARG B 109 2.85 12.30 -3.37
C ARG B 109 4.11 11.88 -4.11
N THR B 110 4.97 12.85 -4.41
CA THR B 110 6.24 12.58 -5.08
C THR B 110 7.18 11.81 -4.16
N VAL B 111 8.09 11.04 -4.76
CA VAL B 111 9.06 10.28 -4.00
C VAL B 111 9.99 11.21 -3.24
N ALA B 112 10.22 10.90 -1.97
CA ALA B 112 11.14 11.68 -1.15
C ALA B 112 12.07 10.73 -0.40
N ALA B 113 13.38 10.90 -0.61
CA ALA B 113 14.38 10.07 0.05
C ALA B 113 14.48 10.44 1.53
N PRO B 114 14.73 9.44 2.39
CA PRO B 114 14.83 9.71 3.83
C PRO B 114 16.14 10.38 4.21
N SER B 115 16.08 11.30 5.16
CA SER B 115 17.28 11.79 5.82
C SER B 115 17.61 10.79 6.92
N VAL B 116 18.87 10.37 6.99
CA VAL B 116 19.26 9.32 7.92
C VAL B 116 20.16 9.85 9.04
N PHE B 117 19.83 9.48 10.28
CA PHE B 117 20.61 9.90 11.43
C PHE B 117 20.85 8.71 12.35
N ILE B 118 22.02 8.65 12.98
CA ILE B 118 22.30 7.57 13.91
C ILE B 118 22.70 8.14 15.28
N PHE B 119 22.15 7.55 16.33
CA PHE B 119 22.38 8.02 17.70
C PHE B 119 23.01 6.93 18.56
N PRO B 120 24.22 7.20 19.08
CA PRO B 120 24.84 6.28 20.04
C PRO B 120 24.10 6.31 21.38
N PRO B 121 24.24 5.25 22.19
CA PRO B 121 23.58 5.23 23.49
C PRO B 121 24.14 6.30 24.42
N SER B 122 23.30 6.81 25.33
CA SER B 122 23.75 7.82 26.28
C SER B 122 24.57 7.18 27.40
N ASP B 123 25.48 7.96 27.99
CA ASP B 123 26.25 7.47 29.13
C ASP B 123 25.33 7.12 30.28
N GLU B 124 24.23 7.87 30.40
CA GLU B 124 23.26 7.63 31.46
C GLU B 124 22.64 6.25 31.37
N GLN B 125 22.35 5.82 30.13
CA GLN B 125 21.75 4.50 29.93
C GLN B 125 22.76 3.39 30.19
N LEU B 126 24.00 3.62 29.79
CA LEU B 126 25.06 2.64 29.98
C LEU B 126 25.26 2.31 31.45
N LYS B 127 24.91 3.25 32.32
CA LYS B 127 24.97 3.02 33.76
C LYS B 127 24.02 1.92 34.19
N SER B 128 22.95 1.72 33.43
CA SER B 128 21.92 0.74 33.77
C SER B 128 22.29 -0.66 33.31
N GLY B 129 23.22 -0.77 32.38
CA GLY B 129 23.66 -2.06 31.88
C GLY B 129 23.01 -2.47 30.57
N THR B 130 22.41 -1.50 29.88
CA THR B 130 21.81 -1.73 28.58
C THR B 130 22.22 -0.61 27.63
N ALA B 131 22.37 -0.94 26.35
CA ALA B 131 22.71 0.06 25.34
C ALA B 131 21.69 0.05 24.20
N SER B 132 21.12 1.21 23.93
CA SER B 132 20.20 1.35 22.80
C SER B 132 20.80 2.22 21.71
N VAL B 133 20.99 1.64 20.53
CA VAL B 133 21.45 2.41 19.38
C VAL B 133 20.25 2.69 18.47
N VAL B 134 20.08 3.94 18.09
CA VAL B 134 18.90 4.34 17.32
C VAL B 134 19.25 4.90 15.95
N CYS B 135 18.57 4.39 14.93
CA CYS B 135 18.70 4.88 13.56
C CYS B 135 17.39 5.55 13.14
N LEU B 136 17.47 6.78 12.67
CA LEU B 136 16.29 7.54 12.29
C LEU B 136 16.22 7.78 10.78
N LEU B 137 15.10 7.41 10.18
CA LEU B 137 14.82 7.70 8.78
C LEU B 137 13.71 8.74 8.72
N ASN B 138 14.04 9.95 8.27
CA ASN B 138 13.12 11.06 8.40
C ASN B 138 12.50 11.58 7.10
N ASN B 139 11.18 11.78 7.14
CA ASN B 139 10.41 12.42 6.07
C ASN B 139 10.62 11.81 4.69
N PHE B 140 10.25 10.55 4.53
CA PHE B 140 10.39 9.89 3.25
C PHE B 140 9.05 9.45 2.67
N TYR B 141 9.04 9.17 1.37
CA TYR B 141 7.87 8.64 0.68
C TYR B 141 8.34 7.87 -0.55
N PRO B 142 7.78 6.66 -0.79
CA PRO B 142 6.66 6.02 -0.08
C PRO B 142 7.07 5.37 1.24
N ARG B 143 6.11 4.68 1.87
CA ARG B 143 6.28 4.15 3.21
C ARG B 143 7.32 3.03 3.29
N GLU B 144 7.49 2.32 2.18
CA GLU B 144 8.40 1.17 2.14
C GLU B 144 9.86 1.58 2.27
N ALA B 145 10.56 0.97 3.22
CA ALA B 145 11.98 1.21 3.42
C ALA B 145 12.59 0.06 4.20
N LYS B 146 13.87 -0.21 3.96
CA LYS B 146 14.56 -1.26 4.69
C LYS B 146 15.73 -0.69 5.49
N VAL B 147 15.87 -1.15 6.72
CA VAL B 147 16.95 -0.74 7.60
C VAL B 147 17.69 -1.97 8.11
N GLN B 148 19.01 -1.96 7.99
CA GLN B 148 19.81 -3.08 8.46
C GLN B 148 20.97 -2.61 9.31
N TRP B 149 21.21 -3.30 10.42
CA TRP B 149 22.29 -2.95 11.33
C TRP B 149 23.55 -3.75 11.04
N LYS B 150 24.69 -3.12 11.21
CA LYS B 150 25.97 -3.80 11.05
C LYS B 150 26.90 -3.41 12.18
N VAL B 151 27.37 -4.40 12.92
CA VAL B 151 28.25 -4.19 14.05
C VAL B 151 29.59 -4.87 13.81
N ASP B 152 30.65 -4.07 13.70
CA ASP B 152 31.95 -4.55 13.24
C ASP B 152 31.80 -5.31 11.94
N ASN B 153 30.99 -4.75 11.04
CA ASN B 153 30.67 -5.34 9.74
C ASN B 153 29.93 -6.67 9.83
N ALA B 154 29.39 -6.98 11.01
CA ALA B 154 28.60 -8.20 11.19
C ALA B 154 27.11 -7.86 11.15
N LEU B 155 26.37 -8.55 10.28
CA LEU B 155 24.95 -8.32 10.12
C LEU B 155 24.18 -8.76 11.36
N GLN B 156 23.37 -7.85 11.91
CA GLN B 156 22.63 -8.12 13.13
C GLN B 156 21.24 -8.67 12.84
N SER B 157 20.78 -9.59 13.70
CA SER B 157 19.46 -10.19 13.54
C SER B 157 18.81 -10.46 14.89
N GLY B 158 17.52 -10.15 14.99
CA GLY B 158 16.73 -10.49 16.17
C GLY B 158 16.92 -9.57 17.37
N ASN B 159 17.75 -8.54 17.23
CA ASN B 159 18.01 -7.65 18.35
C ASN B 159 17.64 -6.19 18.07
N SER B 160 16.72 -5.97 17.13
CA SER B 160 16.27 -4.62 16.82
C SER B 160 14.76 -4.57 16.57
N GLN B 161 14.18 -3.40 16.80
CA GLN B 161 12.75 -3.19 16.56
C GLN B 161 12.53 -1.90 15.80
N GLU B 162 11.50 -1.90 14.94
CA GLU B 162 11.18 -0.72 14.14
C GLU B 162 9.84 -0.12 14.53
N SER B 163 9.74 1.19 14.39
CA SER B 163 8.48 1.90 14.55
C SER B 163 8.32 2.91 13.41
N VAL B 164 7.13 2.95 12.81
CA VAL B 164 6.89 3.90 11.73
C VAL B 164 5.72 4.81 12.10
N THR B 165 5.88 6.10 11.83
CA THR B 165 4.82 7.06 12.09
C THR B 165 3.66 6.89 11.12
N GLU B 166 2.52 7.46 11.46
CA GLU B 166 1.44 7.60 10.50
C GLU B 166 1.87 8.67 9.51
N GLN B 167 1.18 8.75 8.38
CA GLN B 167 1.51 9.75 7.37
C GLN B 167 1.35 11.14 7.95
N ASP B 168 2.29 12.04 7.64
CA ASP B 168 2.26 13.39 8.17
C ASP B 168 1.13 14.20 7.53
N SER B 169 0.43 14.98 8.36
CA SER B 169 -0.76 15.72 7.91
C SER B 169 -0.42 16.99 7.12
N LYS B 170 0.87 17.28 6.98
CA LYS B 170 1.29 18.49 6.28
C LYS B 170 2.05 18.19 4.99
N ASP B 171 3.08 17.34 5.07
CA ASP B 171 3.91 17.07 3.91
C ASP B 171 3.72 15.65 3.36
N SER B 172 2.83 14.89 4.01
CA SER B 172 2.42 13.57 3.55
C SER B 172 3.56 12.55 3.51
N THR B 173 4.59 12.76 4.32
CA THR B 173 5.71 11.82 4.37
C THR B 173 5.61 10.90 5.58
N TYR B 174 6.51 9.93 5.64
CA TYR B 174 6.62 9.04 6.79
C TYR B 174 7.99 9.19 7.43
N SER B 175 8.07 8.84 8.71
CA SER B 175 9.36 8.74 9.40
C SER B 175 9.45 7.38 10.07
N LEU B 176 10.68 6.88 10.21
CA LEU B 176 10.90 5.53 10.69
C LEU B 176 12.06 5.50 11.68
N SER B 177 11.92 4.71 12.74
CA SER B 177 13.01 4.52 13.70
C SER B 177 13.35 3.04 13.85
N SER B 178 14.64 2.74 13.88
CA SER B 178 15.10 1.40 14.20
C SER B 178 15.99 1.46 15.42
N THR B 179 15.68 0.65 16.42
CA THR B 179 16.44 0.66 17.66
C THR B 179 17.14 -0.66 17.89
N LEU B 180 18.47 -0.60 17.93
CA LEU B 180 19.29 -1.76 18.25
C LEU B 180 19.57 -1.80 19.74
N THR B 181 19.17 -2.87 20.42
CA THR B 181 19.40 -2.98 21.84
C THR B 181 20.42 -4.06 22.16
N LEU B 182 21.45 -3.68 22.92
CA LEU B 182 22.49 -4.60 23.35
C LEU B 182 22.75 -4.46 24.83
N SER B 183 23.29 -5.50 25.45
CA SER B 183 23.78 -5.38 26.81
C SER B 183 24.99 -4.45 26.80
N LYS B 184 25.33 -3.89 27.95
CA LYS B 184 26.49 -3.00 28.05
C LYS B 184 27.76 -3.74 27.65
N ALA B 185 27.89 -4.97 28.12
CA ALA B 185 29.07 -5.79 27.85
C ALA B 185 29.24 -6.05 26.36
N ASP B 186 28.13 -6.35 25.69
CA ASP B 186 28.15 -6.60 24.25
C ASP B 186 28.47 -5.33 23.47
N TYR B 187 27.93 -4.21 23.93
CA TYR B 187 28.16 -2.92 23.27
C TYR B 187 29.64 -2.54 23.29
N GLU B 188 30.29 -2.73 24.42
CA GLU B 188 31.69 -2.35 24.58
C GLU B 188 32.63 -3.39 23.99
N LYS B 189 32.06 -4.47 23.50
CA LYS B 189 32.83 -5.54 22.86
C LYS B 189 33.15 -5.19 21.40
N HIS B 190 32.45 -4.19 20.88
CA HIS B 190 32.61 -3.82 19.47
C HIS B 190 32.87 -2.33 19.29
N LYS B 191 33.39 -1.97 18.12
CA LYS B 191 33.83 -0.60 17.86
C LYS B 191 32.90 0.19 16.94
N VAL B 192 32.70 -0.32 15.72
CA VAL B 192 31.94 0.41 14.72
C VAL B 192 30.49 -0.06 14.62
N TYR B 193 29.57 0.90 14.75
CA TYR B 193 28.15 0.63 14.65
C TYR B 193 27.56 1.37 13.48
N ALA B 194 26.86 0.66 12.61
CA ALA B 194 26.31 1.25 11.40
C ALA B 194 24.89 0.78 11.11
N CYS B 195 24.06 1.68 10.57
CA CYS B 195 22.76 1.27 10.05
C CYS B 195 22.71 1.60 8.55
N GLU B 196 22.26 0.61 7.76
CA GLU B 196 22.23 0.77 6.31
C GLU B 196 20.79 0.89 5.82
N VAL B 197 20.55 1.88 4.97
CA VAL B 197 19.19 2.22 4.54
C VAL B 197 19.00 2.07 3.03
N THR B 198 17.92 1.38 2.65
CA THR B 198 17.53 1.32 1.25
C THR B 198 16.12 1.90 1.07
N HIS B 199 15.92 2.64 -0.02
CA HIS B 199 14.65 3.29 -0.29
C HIS B 199 14.56 3.68 -1.77
N GLN B 200 13.33 3.81 -2.27
CA GLN B 200 13.10 4.16 -3.67
C GLN B 200 13.77 5.46 -4.09
N GLY B 201 13.86 6.41 -3.17
CA GLY B 201 14.42 7.72 -3.46
C GLY B 201 15.93 7.75 -3.42
N LEU B 202 16.55 6.62 -3.08
CA LEU B 202 18.00 6.54 -3.01
C LEU B 202 18.56 5.71 -4.16
N SER B 203 19.55 6.26 -4.86
CA SER B 203 20.22 5.54 -5.93
C SER B 203 21.00 4.36 -5.38
N SER B 204 21.72 4.61 -4.28
CA SER B 204 22.46 3.57 -3.59
C SER B 204 22.06 3.53 -2.13
N PRO B 205 22.26 2.38 -1.46
CA PRO B 205 22.03 2.29 -0.02
C PRO B 205 22.84 3.33 0.75
N VAL B 206 22.20 4.00 1.70
CA VAL B 206 22.88 5.01 2.52
C VAL B 206 23.27 4.41 3.87
N THR B 207 24.53 4.59 4.25
CA THR B 207 25.03 4.08 5.51
C THR B 207 25.52 5.20 6.42
N LYS B 208 24.99 5.23 7.64
CA LYS B 208 25.48 6.12 8.68
C LYS B 208 26.10 5.29 9.80
N SER B 209 27.20 5.78 10.37
CA SER B 209 27.90 5.00 11.38
C SER B 209 28.65 5.87 12.39
N PHE B 210 29.13 5.23 13.44
CA PHE B 210 29.99 5.87 14.42
C PHE B 210 30.90 4.83 15.06
N ASN B 211 31.98 5.30 15.68
CA ASN B 211 32.84 4.45 16.48
C ASN B 211 32.60 4.72 17.96
N ARG B 212 32.39 3.66 18.73
CA ARG B 212 32.19 3.79 20.17
C ARG B 212 33.37 4.50 20.83
N GLY B 213 33.15 5.74 21.25
CA GLY B 213 34.20 6.54 21.85
C GLY B 213 34.77 7.58 20.91
N VAL C 2 -11.39 -9.92 -36.72
CA VAL C 2 -11.06 -9.12 -35.55
C VAL C 2 -9.74 -9.58 -34.94
N GLN C 3 -8.63 -9.21 -35.57
CA GLN C 3 -7.31 -9.56 -35.05
C GLN C 3 -6.22 -8.62 -35.58
N LEU C 4 -5.36 -8.18 -34.66
CA LEU C 4 -4.27 -7.27 -34.99
C LEU C 4 -2.95 -7.85 -34.50
N VAL C 5 -1.96 -7.95 -35.39
CA VAL C 5 -0.65 -8.47 -35.00
C VAL C 5 0.47 -7.47 -35.30
N GLU C 6 1.13 -7.00 -34.26
CA GLU C 6 2.23 -6.05 -34.40
C GLU C 6 3.54 -6.76 -34.68
N SER C 7 4.49 -6.02 -35.26
CA SER C 7 5.83 -6.55 -35.50
C SER C 7 6.82 -5.40 -35.66
N GLY C 8 8.10 -5.70 -35.52
CA GLY C 8 9.15 -4.71 -35.70
C GLY C 8 9.77 -4.26 -34.39
N GLY C 9 9.31 -4.83 -33.28
CA GLY C 9 9.80 -4.46 -31.97
C GLY C 9 11.23 -4.91 -31.74
N GLY C 10 11.85 -4.38 -30.68
CA GLY C 10 13.21 -4.74 -30.34
C GLY C 10 13.99 -3.60 -29.70
N VAL C 11 15.30 -3.77 -29.60
CA VAL C 11 16.15 -2.73 -29.02
C VAL C 11 16.66 -1.78 -30.10
N VAL C 12 16.71 -0.50 -29.77
CA VAL C 12 17.21 0.53 -30.68
C VAL C 12 18.00 1.56 -29.91
N GLN C 13 19.17 1.94 -30.42
CA GLN C 13 20.01 2.91 -29.76
C GLN C 13 19.39 4.30 -29.85
N PRO C 14 19.54 5.11 -28.79
CA PRO C 14 18.99 6.47 -28.76
C PRO C 14 19.42 7.30 -29.96
N GLY C 15 18.50 8.10 -30.49
CA GLY C 15 18.77 8.93 -31.65
C GLY C 15 18.45 8.24 -32.96
N ARG C 16 18.41 6.91 -32.92
CA ARG C 16 18.15 6.13 -34.14
C ARG C 16 16.66 5.93 -34.39
N SER C 17 16.34 5.20 -35.45
CA SER C 17 14.97 5.05 -35.89
C SER C 17 14.48 3.62 -35.79
N LEU C 18 13.16 3.46 -35.76
CA LEU C 18 12.54 2.13 -35.75
C LEU C 18 11.13 2.21 -36.34
N ARG C 19 10.78 1.24 -37.17
CA ARG C 19 9.46 1.20 -37.79
C ARG C 19 8.65 0.01 -37.28
N LEU C 20 7.47 0.29 -36.73
CA LEU C 20 6.56 -0.76 -36.30
C LEU C 20 5.49 -1.00 -37.35
N SER C 21 4.98 -2.22 -37.41
CA SER C 21 3.94 -2.55 -38.37
C SER C 21 2.82 -3.34 -37.71
N CYS C 22 1.60 -3.18 -38.23
CA CYS C 22 0.44 -3.86 -37.68
C CYS C 22 -0.39 -4.49 -38.80
N ALA C 23 -0.44 -5.82 -38.82
CA ALA C 23 -1.21 -6.54 -39.83
C ALA C 23 -2.61 -6.83 -39.33
N ALA C 24 -3.61 -6.47 -40.12
CA ALA C 24 -5.01 -6.63 -39.69
C ALA C 24 -5.73 -7.67 -40.53
N SER C 25 -6.66 -8.38 -39.90
CA SER C 25 -7.46 -9.38 -40.58
C SER C 25 -8.75 -9.65 -39.81
N GLY C 26 -9.78 -10.07 -40.51
CA GLY C 26 -11.03 -10.45 -39.88
C GLY C 26 -12.07 -9.34 -39.76
N PHE C 27 -11.74 -8.16 -40.28
CA PHE C 27 -12.69 -7.06 -40.31
C PHE C 27 -12.42 -6.16 -41.52
N SER C 28 -13.38 -5.29 -41.83
CA SER C 28 -13.25 -4.38 -42.97
C SER C 28 -12.25 -3.27 -42.67
N PHE C 29 -10.96 -3.60 -42.75
CA PHE C 29 -9.86 -2.73 -42.34
C PHE C 29 -9.90 -1.32 -42.95
N SER C 30 -10.23 -1.23 -44.23
CA SER C 30 -10.15 0.04 -44.95
C SER C 30 -11.24 1.02 -44.57
N HIS C 31 -12.11 0.64 -43.64
CA HIS C 31 -13.21 1.50 -43.21
C HIS C 31 -13.04 2.01 -41.79
N TYR C 32 -11.92 1.67 -41.15
CA TYR C 32 -11.68 2.08 -39.78
C TYR C 32 -10.44 2.97 -39.63
N ALA C 33 -10.55 4.02 -38.83
CA ALA C 33 -9.38 4.74 -38.37
C ALA C 33 -8.57 3.80 -37.50
N MET C 34 -7.25 3.99 -37.49
CA MET C 34 -6.36 3.14 -36.69
C MET C 34 -5.49 3.98 -35.77
N HIS C 35 -5.33 3.53 -34.54
CA HIS C 35 -4.55 4.25 -33.54
C HIS C 35 -3.28 3.50 -33.14
N TRP C 36 -2.30 4.24 -32.64
CA TRP C 36 -1.22 3.65 -31.86
C TRP C 36 -1.30 4.18 -30.45
N VAL C 37 -1.10 3.29 -29.48
CA VAL C 37 -1.09 3.65 -28.07
C VAL C 37 0.11 2.95 -27.45
N ARG C 38 0.77 3.60 -26.50
CA ARG C 38 1.91 2.96 -25.86
C ARG C 38 1.79 2.94 -24.34
N GLN C 39 2.57 2.08 -23.72
CA GLN C 39 2.54 1.95 -22.27
C GLN C 39 3.93 1.59 -21.76
N ALA C 40 4.54 2.53 -21.05
CA ALA C 40 5.84 2.28 -20.41
C ALA C 40 5.66 1.29 -19.28
N PRO C 41 6.70 0.50 -18.96
CA PRO C 41 6.62 -0.52 -17.91
C PRO C 41 6.06 0.03 -16.59
N GLY C 42 4.95 -0.56 -16.13
CA GLY C 42 4.36 -0.20 -14.87
C GLY C 42 3.63 1.14 -14.86
N LYS C 43 3.51 1.77 -16.02
CA LYS C 43 2.86 3.07 -16.12
C LYS C 43 1.57 3.01 -16.92
N GLY C 44 0.94 4.17 -17.10
CA GLY C 44 -0.37 4.24 -17.73
C GLY C 44 -0.36 4.27 -19.24
N LEU C 45 -1.55 4.21 -19.83
CA LEU C 45 -1.70 4.28 -21.27
C LEU C 45 -1.46 5.69 -21.79
N GLU C 46 -0.78 5.79 -22.92
CA GLU C 46 -0.55 7.08 -23.57
C GLU C 46 -0.87 6.99 -25.05
N TRP C 47 -1.86 7.76 -25.49
CA TRP C 47 -2.24 7.81 -26.89
C TRP C 47 -1.07 8.38 -27.71
N VAL C 48 -0.82 7.79 -28.87
CA VAL C 48 0.34 8.17 -29.69
C VAL C 48 -0.06 8.83 -31.01
N ALA C 49 -0.89 8.17 -31.79
CA ALA C 49 -1.27 8.71 -33.10
C ALA C 49 -2.52 8.04 -33.65
N VAL C 50 -3.16 8.70 -34.61
CA VAL C 50 -4.28 8.12 -35.33
C VAL C 50 -4.19 8.47 -36.81
N ILE C 51 -4.66 7.55 -37.66
CA ILE C 51 -4.78 7.81 -39.08
C ILE C 51 -6.20 7.47 -39.52
N SER C 52 -6.79 8.33 -40.35
CA SER C 52 -8.17 8.13 -40.79
C SER C 52 -8.27 6.90 -41.69
N TYR C 53 -9.50 6.42 -41.90
CA TYR C 53 -9.74 5.21 -42.66
C TYR C 53 -9.17 5.28 -44.06
N ASP C 54 -9.16 6.47 -44.64
CA ASP C 54 -8.67 6.66 -46.01
C ASP C 54 -7.24 7.21 -46.04
N GLY C 55 -6.64 7.37 -44.86
CA GLY C 55 -5.27 7.83 -44.77
C GLY C 55 -5.06 9.30 -45.06
N GLU C 56 -6.16 10.05 -45.16
CA GLU C 56 -6.10 11.46 -45.50
C GLU C 56 -5.74 12.35 -44.31
N ASN C 57 -6.20 11.96 -43.12
CA ASN C 57 -5.98 12.74 -41.91
C ASN C 57 -5.14 12.01 -40.89
N THR C 58 -4.20 12.72 -40.27
CA THR C 58 -3.37 12.15 -39.22
C THR C 58 -3.23 13.11 -38.06
N TYR C 59 -3.09 12.57 -36.85
CA TYR C 59 -2.85 13.36 -35.66
C TYR C 59 -1.87 12.63 -34.74
N TYR C 60 -1.13 13.40 -33.96
CA TYR C 60 -0.08 12.84 -33.11
C TYR C 60 -0.12 13.40 -31.71
N ALA C 61 0.33 12.61 -30.74
CA ALA C 61 0.52 13.10 -29.39
C ALA C 61 1.57 14.20 -29.40
N ASP C 62 1.44 15.16 -28.50
CA ASP C 62 2.38 16.28 -28.44
C ASP C 62 3.81 15.80 -28.20
N SER C 63 3.95 14.70 -27.47
CA SER C 63 5.26 14.19 -27.08
C SER C 63 6.01 13.49 -28.22
N VAL C 64 5.35 13.24 -29.34
CA VAL C 64 6.00 12.58 -30.47
C VAL C 64 5.93 13.38 -31.77
N LYS C 65 5.35 14.57 -31.70
CA LYS C 65 5.22 15.41 -32.88
C LYS C 65 6.58 15.72 -33.50
N GLY C 66 6.65 15.60 -34.82
CA GLY C 66 7.88 15.85 -35.54
C GLY C 66 8.80 14.65 -35.65
N ARG C 67 8.60 13.67 -34.76
CA ARG C 67 9.48 12.51 -34.71
C ARG C 67 8.81 11.24 -35.23
N PHE C 68 7.50 11.13 -35.03
CA PHE C 68 6.77 9.94 -35.45
C PHE C 68 5.93 10.25 -36.69
N SER C 69 5.74 9.25 -37.54
CA SER C 69 4.84 9.38 -38.68
C SER C 69 4.02 8.10 -38.83
N ILE C 70 2.70 8.27 -38.95
CA ILE C 70 1.81 7.12 -39.09
C ILE C 70 1.31 7.01 -40.54
N SER C 71 1.22 5.79 -41.03
CA SER C 71 0.76 5.56 -42.39
C SER C 71 0.02 4.22 -42.47
N ARG C 72 -0.67 3.99 -43.57
CA ARG C 72 -1.38 2.73 -43.75
C ARG C 72 -1.41 2.32 -45.22
N ASP C 73 -1.59 1.02 -45.43
CA ASP C 73 -1.77 0.48 -46.77
C ASP C 73 -3.02 -0.38 -46.78
N ASN C 74 -4.12 0.16 -47.28
CA ASN C 74 -5.40 -0.52 -47.21
C ASN C 74 -5.47 -1.74 -48.12
N SER C 75 -4.61 -1.79 -49.12
CA SER C 75 -4.56 -2.94 -50.03
C SER C 75 -3.84 -4.12 -49.36
N LYS C 76 -2.98 -3.83 -48.40
CA LYS C 76 -2.22 -4.87 -47.72
C LYS C 76 -2.65 -5.03 -46.26
N ASN C 77 -3.69 -4.29 -45.87
CA ASN C 77 -4.23 -4.34 -44.51
C ASN C 77 -3.17 -4.13 -43.45
N THR C 78 -2.37 -3.08 -43.61
CA THR C 78 -1.32 -2.76 -42.64
C THR C 78 -1.36 -1.31 -42.21
N VAL C 79 -1.01 -1.07 -40.95
CA VAL C 79 -0.72 0.27 -40.45
C VAL C 79 0.71 0.29 -39.96
N SER C 80 1.44 1.35 -40.26
CA SER C 80 2.83 1.44 -39.83
C SER C 80 3.08 2.67 -38.98
N LEU C 81 4.02 2.57 -38.05
CA LEU C 81 4.44 3.71 -37.25
C LEU C 81 5.94 3.87 -37.35
N GLN C 82 6.38 4.91 -38.05
CA GLN C 82 7.80 5.23 -38.19
C GLN C 82 8.26 6.10 -37.04
N MET C 83 9.18 5.59 -36.24
CA MET C 83 9.65 6.31 -35.06
C MET C 83 11.09 6.78 -35.24
N ASN C 84 11.27 8.09 -35.37
CA ASN C 84 12.59 8.68 -35.58
C ASN C 84 13.14 9.35 -34.33
N SER C 85 14.47 9.41 -34.26
CA SER C 85 15.20 10.04 -33.15
C SER C 85 14.63 9.65 -31.79
N LEU C 86 14.71 8.35 -31.48
CA LEU C 86 14.11 7.83 -30.27
C LEU C 86 14.87 8.24 -29.01
N ARG C 87 14.12 8.47 -27.94
CA ARG C 87 14.68 8.78 -26.64
C ARG C 87 14.41 7.59 -25.71
N PRO C 88 15.22 7.45 -24.64
CA PRO C 88 14.98 6.38 -23.66
C PRO C 88 13.56 6.40 -23.10
N GLU C 89 12.93 7.56 -23.09
CA GLU C 89 11.58 7.72 -22.56
C GLU C 89 10.52 7.24 -23.55
N ASP C 90 10.95 6.85 -24.75
CA ASP C 90 10.05 6.28 -25.74
C ASP C 90 9.95 4.77 -25.54
N THR C 91 10.73 4.24 -24.61
CA THR C 91 10.70 2.82 -24.28
C THR C 91 9.33 2.44 -23.71
N ALA C 92 8.65 1.50 -24.37
CA ALA C 92 7.31 1.12 -23.97
C ALA C 92 6.81 -0.07 -24.78
N LEU C 93 5.67 -0.61 -24.37
CA LEU C 93 4.90 -1.53 -25.19
C LEU C 93 3.98 -0.71 -26.09
N TYR C 94 4.06 -0.93 -27.40
CA TYR C 94 3.27 -0.15 -28.36
C TYR C 94 2.12 -0.97 -28.93
N TYR C 95 0.90 -0.49 -28.69
CA TYR C 95 -0.30 -1.19 -29.16
C TYR C 95 -0.81 -0.61 -30.47
N CYS C 96 -1.21 -1.51 -31.37
CA CYS C 96 -1.99 -1.16 -32.54
C CYS C 96 -3.47 -1.32 -32.17
N ALA C 97 -4.31 -0.34 -32.47
CA ALA C 97 -5.71 -0.42 -32.04
C ALA C 97 -6.71 0.16 -33.05
N ARG C 98 -7.84 -0.52 -33.19
CA ARG C 98 -8.87 -0.12 -34.15
C ARG C 98 -9.88 0.82 -33.52
N ASP C 99 -10.22 1.89 -34.24
CA ASP C 99 -11.29 2.79 -33.81
C ASP C 99 -12.61 2.03 -33.85
N ARG C 100 -13.57 2.43 -33.02
CA ARG C 100 -14.81 1.69 -32.92
C ARG C 100 -15.84 2.06 -34.00
N ILE C 101 -15.60 3.17 -34.70
CA ILE C 101 -16.56 3.68 -35.69
C ILE C 101 -15.97 3.74 -37.10
N VAL C 102 -16.80 3.47 -38.10
CA VAL C 102 -16.35 3.45 -39.50
C VAL C 102 -16.52 4.76 -40.26
N ASP C 103 -15.67 4.97 -41.26
CA ASP C 103 -15.79 6.06 -42.23
C ASP C 103 -16.02 7.43 -41.60
N ASP C 104 -15.21 7.77 -40.61
CA ASP C 104 -15.45 9.00 -39.86
C ASP C 104 -14.18 9.82 -39.70
N TYR C 105 -14.30 11.14 -39.80
CA TYR C 105 -13.16 12.02 -39.57
C TYR C 105 -13.12 12.47 -38.10
N TYR C 106 -14.14 12.09 -37.35
CA TYR C 106 -14.08 12.15 -35.89
C TYR C 106 -13.41 10.87 -35.40
N TYR C 107 -12.70 10.95 -34.29
CA TYR C 107 -12.03 9.78 -33.75
C TYR C 107 -12.57 9.45 -32.37
N TYR C 108 -12.74 8.16 -32.12
CA TYR C 108 -13.40 7.69 -30.91
C TYR C 108 -12.50 6.74 -30.14
N GLY C 109 -13.09 5.89 -29.31
CA GLY C 109 -12.31 4.93 -28.55
C GLY C 109 -11.78 3.80 -29.40
N MET C 110 -11.06 2.89 -28.75
CA MET C 110 -10.51 1.73 -29.44
C MET C 110 -11.09 0.44 -28.87
N ASP C 111 -11.74 -0.34 -29.71
CA ASP C 111 -12.44 -1.54 -29.23
C ASP C 111 -11.71 -2.83 -29.59
N VAL C 112 -10.72 -2.74 -30.45
CA VAL C 112 -9.89 -3.90 -30.80
C VAL C 112 -8.42 -3.56 -30.63
N TRP C 113 -7.72 -4.35 -29.83
CA TRP C 113 -6.30 -4.09 -29.51
C TRP C 113 -5.39 -5.24 -29.92
N GLY C 114 -4.24 -4.91 -30.50
CA GLY C 114 -3.21 -5.90 -30.73
C GLY C 114 -2.49 -6.19 -29.42
N GLN C 115 -1.66 -7.24 -29.41
CA GLN C 115 -0.96 -7.64 -28.19
C GLN C 115 0.20 -6.69 -27.88
N GLY C 116 0.65 -5.95 -28.88
CA GLY C 116 1.66 -4.93 -28.67
C GLY C 116 3.08 -5.38 -29.00
N ALA C 117 3.90 -4.43 -29.42
CA ALA C 117 5.30 -4.70 -29.70
C ALA C 117 6.17 -3.93 -28.71
N THR C 118 7.11 -4.62 -28.08
CA THR C 118 7.98 -4.02 -27.09
C THR C 118 9.14 -3.28 -27.75
N VAL C 119 9.27 -1.99 -27.46
CA VAL C 119 10.36 -1.20 -27.97
C VAL C 119 11.26 -0.71 -26.84
N THR C 120 12.53 -1.07 -26.89
CA THR C 120 13.48 -0.65 -25.87
C THR C 120 14.53 0.28 -26.47
N VAL C 121 14.63 1.48 -25.93
CA VAL C 121 15.61 2.44 -26.42
C VAL C 121 16.83 2.43 -25.51
N SER C 122 17.91 1.81 -25.99
CA SER C 122 19.08 1.56 -25.15
C SER C 122 20.34 1.34 -25.97
N SER C 123 21.49 1.55 -25.34
CA SER C 123 22.77 1.33 -26.01
C SER C 123 23.29 -0.08 -25.72
N ALA C 124 22.64 -0.77 -24.80
CA ALA C 124 23.02 -2.13 -24.43
C ALA C 124 22.73 -3.11 -25.56
N SER C 125 23.43 -4.24 -25.56
CA SER C 125 23.29 -5.22 -26.64
C SER C 125 22.27 -6.30 -26.30
N THR C 126 21.72 -6.92 -27.34
CA THR C 126 20.76 -8.00 -27.18
C THR C 126 21.43 -9.29 -26.73
N LYS C 127 20.87 -9.95 -25.73
CA LYS C 127 21.40 -11.21 -25.24
C LYS C 127 20.30 -12.22 -24.95
N GLY C 128 20.47 -13.44 -25.46
CA GLY C 128 19.53 -14.51 -25.21
C GLY C 128 19.74 -15.10 -23.83
N PRO C 129 18.68 -15.68 -23.26
CA PRO C 129 18.75 -16.25 -21.91
C PRO C 129 19.25 -17.68 -21.88
N SER C 130 19.77 -18.10 -20.74
CA SER C 130 20.03 -19.50 -20.48
C SER C 130 18.98 -20.02 -19.50
N VAL C 131 18.40 -21.17 -19.80
CA VAL C 131 17.30 -21.70 -19.01
C VAL C 131 17.75 -22.86 -18.12
N PHE C 132 17.51 -22.72 -16.82
CA PHE C 132 17.88 -23.75 -15.86
C PHE C 132 16.64 -24.33 -15.19
N PRO C 133 16.66 -25.64 -14.92
CA PRO C 133 15.52 -26.30 -14.28
C PRO C 133 15.45 -26.03 -12.78
N LEU C 134 14.23 -25.85 -12.28
CA LEU C 134 13.97 -25.80 -10.85
C LEU C 134 13.34 -27.14 -10.46
N ALA C 135 14.17 -28.08 -10.04
CA ALA C 135 13.73 -29.45 -9.80
C ALA C 135 12.74 -29.56 -8.65
N PRO C 136 11.73 -30.43 -8.81
CA PRO C 136 10.78 -30.71 -7.73
C PRO C 136 11.40 -31.64 -6.68
N SER C 137 11.00 -31.47 -5.42
CA SER C 137 11.44 -32.36 -4.34
C SER C 137 10.56 -32.16 -3.11
N SER C 138 10.77 -33.00 -2.11
CA SER C 138 10.03 -32.92 -0.85
C SER C 138 10.69 -33.76 0.23
N GLY C 144 -0.85 -33.59 -1.33
CA GLY C 144 0.24 -34.04 -2.17
C GLY C 144 0.44 -33.16 -3.38
N THR C 145 1.04 -31.99 -3.17
CA THR C 145 1.30 -31.05 -4.26
C THR C 145 2.77 -30.65 -4.30
N ALA C 146 3.37 -30.74 -5.48
CA ALA C 146 4.78 -30.38 -5.65
C ALA C 146 4.93 -29.15 -6.53
N ALA C 147 6.00 -28.39 -6.28
CA ALA C 147 6.31 -27.23 -7.11
C ALA C 147 7.56 -27.48 -7.92
N LEU C 148 7.53 -27.10 -9.18
CA LEU C 148 8.70 -27.18 -10.05
C LEU C 148 8.70 -25.96 -10.97
N GLY C 149 9.79 -25.73 -11.68
CA GLY C 149 9.86 -24.56 -12.53
C GLY C 149 11.09 -24.44 -13.40
N CYS C 150 11.26 -23.24 -13.97
CA CYS C 150 12.40 -22.94 -14.81
C CYS C 150 12.97 -21.57 -14.48
N LEU C 151 14.28 -21.49 -14.37
CA LEU C 151 14.97 -20.23 -14.15
C LEU C 151 15.45 -19.69 -15.49
N VAL C 152 14.95 -18.53 -15.88
CA VAL C 152 15.33 -17.90 -17.14
C VAL C 152 16.24 -16.71 -16.86
N LYS C 153 17.54 -16.90 -17.07
CA LYS C 153 18.53 -15.96 -16.54
C LYS C 153 19.35 -15.22 -17.58
N ASP C 154 19.69 -13.97 -17.27
CA ASP C 154 20.64 -13.16 -18.04
C ASP C 154 20.25 -12.93 -19.49
N TYR C 155 19.21 -12.12 -19.70
CA TYR C 155 18.79 -11.78 -21.06
C TYR C 155 18.47 -10.30 -21.21
N PHE C 156 18.50 -9.83 -22.45
CA PHE C 156 18.19 -8.45 -22.77
C PHE C 156 17.80 -8.35 -24.24
N PRO C 157 16.74 -7.59 -24.55
CA PRO C 157 15.89 -6.91 -23.58
C PRO C 157 14.65 -7.71 -23.20
N GLU C 158 13.76 -7.09 -22.44
CA GLU C 158 12.44 -7.63 -22.17
C GLU C 158 11.65 -7.63 -23.48
N PRO C 159 10.71 -8.57 -23.65
CA PRO C 159 10.31 -9.64 -22.74
C PRO C 159 10.69 -11.04 -23.19
N VAL C 160 10.53 -12.00 -22.29
CA VAL C 160 10.54 -13.41 -22.64
C VAL C 160 9.16 -13.99 -22.35
N THR C 161 8.74 -14.94 -23.18
CA THR C 161 7.47 -15.63 -22.93
C THR C 161 7.76 -17.05 -22.46
N VAL C 162 7.01 -17.51 -21.48
CA VAL C 162 7.17 -18.86 -20.95
C VAL C 162 5.85 -19.61 -20.94
N SER C 163 5.84 -20.79 -21.54
CA SER C 163 4.68 -21.67 -21.47
C SER C 163 5.11 -23.03 -20.94
N TRP C 164 4.13 -23.82 -20.48
CA TRP C 164 4.42 -25.15 -19.98
C TRP C 164 3.70 -26.21 -20.81
N ASN C 165 4.45 -27.22 -21.25
CA ASN C 165 3.95 -28.26 -22.12
C ASN C 165 3.26 -27.69 -23.36
N SER C 166 3.93 -26.71 -23.98
CA SER C 166 3.41 -26.02 -25.17
C SER C 166 2.01 -25.47 -24.97
N GLY C 167 1.77 -24.88 -23.80
CA GLY C 167 0.50 -24.22 -23.52
C GLY C 167 -0.58 -25.14 -22.94
N ALA C 168 -0.28 -26.43 -22.86
CA ALA C 168 -1.25 -27.39 -22.34
C ALA C 168 -1.41 -27.25 -20.84
N LEU C 169 -0.37 -26.74 -20.18
CA LEU C 169 -0.41 -26.55 -18.74
C LEU C 169 -0.46 -25.06 -18.39
N THR C 170 -1.58 -24.64 -17.81
CA THR C 170 -1.77 -23.23 -17.46
C THR C 170 -2.21 -23.06 -16.01
N SER C 171 -2.89 -24.07 -15.47
CA SER C 171 -3.37 -24.00 -14.09
C SER C 171 -2.22 -24.12 -13.10
N GLY C 172 -2.18 -23.21 -12.13
CA GLY C 172 -1.15 -23.24 -11.10
C GLY C 172 0.17 -22.63 -11.55
N VAL C 173 0.19 -22.09 -12.75
CA VAL C 173 1.40 -21.50 -13.31
C VAL C 173 1.62 -20.06 -12.83
N HIS C 174 2.81 -19.79 -12.31
CA HIS C 174 3.20 -18.42 -11.98
C HIS C 174 4.50 -18.06 -12.67
N THR C 175 4.44 -17.11 -13.59
CA THR C 175 5.64 -16.58 -14.23
C THR C 175 5.91 -15.19 -13.68
N PHE C 176 6.95 -15.08 -12.86
CA PHE C 176 7.25 -13.86 -12.14
C PHE C 176 7.73 -12.74 -13.07
N PRO C 177 7.44 -11.48 -12.71
CA PRO C 177 7.99 -10.36 -13.47
C PRO C 177 9.50 -10.35 -13.41
N ALA C 178 10.13 -9.97 -14.51
CA ALA C 178 11.58 -9.96 -14.60
C ALA C 178 12.18 -8.98 -13.59
N VAL C 179 13.33 -9.34 -13.05
CA VAL C 179 14.07 -8.45 -12.17
C VAL C 179 15.34 -8.01 -12.88
N LEU C 180 15.69 -6.74 -12.73
CA LEU C 180 16.91 -6.21 -13.32
C LEU C 180 18.09 -6.44 -12.39
N GLN C 181 19.11 -7.12 -12.89
CA GLN C 181 20.29 -7.43 -12.09
C GLN C 181 21.32 -6.31 -12.19
N SER C 182 22.27 -6.30 -11.26
CA SER C 182 23.33 -5.29 -11.25
C SER C 182 24.19 -5.37 -12.52
N SER C 183 24.13 -6.52 -13.18
CA SER C 183 24.84 -6.72 -14.43
C SER C 183 24.16 -5.97 -15.58
N GLY C 184 22.92 -5.55 -15.37
CA GLY C 184 22.16 -4.86 -16.39
C GLY C 184 21.35 -5.82 -17.23
N LEU C 185 21.30 -7.07 -16.80
CA LEU C 185 20.58 -8.11 -17.51
C LEU C 185 19.36 -8.54 -16.71
N TYR C 186 18.32 -8.99 -17.39
CA TYR C 186 17.10 -9.42 -16.73
C TYR C 186 17.11 -10.90 -16.42
N SER C 187 16.32 -11.29 -15.42
CA SER C 187 16.12 -12.70 -15.12
C SER C 187 14.77 -12.88 -14.43
N LEU C 188 14.11 -13.99 -14.74
CA LEU C 188 12.86 -14.34 -14.08
C LEU C 188 12.78 -15.84 -13.88
N SER C 189 11.79 -16.27 -13.11
CA SER C 189 11.49 -17.68 -13.00
C SER C 189 10.02 -17.92 -13.31
N SER C 190 9.72 -19.11 -13.80
CA SER C 190 8.34 -19.53 -13.96
C SER C 190 8.16 -20.81 -13.16
N VAL C 191 7.15 -20.85 -12.30
CA VAL C 191 6.93 -22.02 -11.47
C VAL C 191 5.52 -22.56 -11.68
N VAL C 192 5.35 -23.86 -11.42
CA VAL C 192 4.05 -24.50 -11.51
C VAL C 192 3.87 -25.44 -10.31
N THR C 193 2.64 -25.52 -9.81
CA THR C 193 2.33 -26.50 -8.78
C THR C 193 1.47 -27.61 -9.37
N VAL C 194 1.95 -28.85 -9.24
CA VAL C 194 1.27 -30.01 -9.78
C VAL C 194 1.10 -31.06 -8.69
N PRO C 195 0.14 -31.98 -8.86
CA PRO C 195 0.04 -33.10 -7.91
C PRO C 195 1.32 -33.93 -7.92
N SER C 196 1.85 -34.22 -6.73
CA SER C 196 3.12 -34.92 -6.62
C SER C 196 3.05 -36.36 -7.16
N SER C 197 1.83 -36.90 -7.20
CA SER C 197 1.63 -38.24 -7.74
C SER C 197 1.84 -38.27 -9.25
N SER C 198 1.79 -37.09 -9.86
CA SER C 198 1.99 -36.95 -11.30
C SER C 198 3.47 -36.99 -11.67
N LEU C 199 4.33 -36.70 -10.70
CA LEU C 199 5.77 -36.70 -10.94
C LEU C 199 6.27 -38.07 -11.36
N GLY C 200 7.27 -38.08 -12.24
CA GLY C 200 7.88 -39.32 -12.70
C GLY C 200 7.13 -39.96 -13.85
N THR C 201 5.85 -39.63 -13.99
CA THR C 201 5.02 -40.19 -15.05
C THR C 201 4.69 -39.12 -16.09
N GLN C 202 4.25 -37.97 -15.61
CA GLN C 202 3.91 -36.85 -16.49
C GLN C 202 5.14 -35.99 -16.78
N THR C 203 5.36 -35.71 -18.06
CA THR C 203 6.50 -34.90 -18.48
C THR C 203 6.18 -33.41 -18.36
N TYR C 204 7.06 -32.68 -17.68
CA TYR C 204 6.92 -31.24 -17.56
C TYR C 204 8.08 -30.53 -18.25
N ILE C 205 7.75 -29.71 -19.24
CA ILE C 205 8.78 -29.01 -20.00
C ILE C 205 8.39 -27.54 -20.19
N CYS C 206 9.31 -26.64 -19.84
CA CYS C 206 9.05 -25.22 -19.99
C CYS C 206 9.51 -24.75 -21.36
N ASN C 207 8.66 -23.96 -22.01
CA ASN C 207 8.96 -23.44 -23.34
C ASN C 207 9.28 -21.95 -23.27
N VAL C 208 10.54 -21.61 -23.49
CA VAL C 208 10.99 -20.23 -23.35
C VAL C 208 11.29 -19.60 -24.71
N ASN C 209 10.73 -18.42 -24.93
CA ASN C 209 10.95 -17.71 -26.19
C ASN C 209 11.43 -16.28 -25.95
N HIS C 210 12.56 -15.94 -26.57
CA HIS C 210 13.09 -14.58 -26.52
C HIS C 210 13.28 -14.06 -27.94
N LYS C 211 12.25 -13.44 -28.47
CA LYS C 211 12.21 -12.99 -29.87
C LYS C 211 13.35 -12.06 -30.31
N PRO C 212 13.72 -11.05 -29.50
CA PRO C 212 14.78 -10.15 -29.97
C PRO C 212 16.14 -10.84 -30.20
N SER C 213 16.40 -11.95 -29.51
CA SER C 213 17.64 -12.69 -29.73
C SER C 213 17.39 -13.95 -30.55
N ASN C 214 16.14 -14.08 -31.02
CA ASN C 214 15.72 -15.25 -31.78
C ASN C 214 15.97 -16.55 -31.01
N THR C 215 15.81 -16.49 -29.69
CA THR C 215 16.06 -17.63 -28.83
C THR C 215 14.79 -18.41 -28.52
N LYS C 216 14.84 -19.71 -28.75
CA LYS C 216 13.72 -20.59 -28.43
C LYS C 216 14.24 -21.85 -27.74
N VAL C 217 13.92 -21.99 -26.46
CA VAL C 217 14.44 -23.09 -25.67
C VAL C 217 13.32 -23.91 -25.02
N ASP C 218 13.41 -25.22 -25.17
CA ASP C 218 12.50 -26.13 -24.50
C ASP C 218 13.27 -26.96 -23.47
N LYS C 219 12.92 -26.79 -22.20
CA LYS C 219 13.68 -27.41 -21.11
C LYS C 219 12.83 -28.37 -20.28
N LYS C 220 13.17 -29.65 -20.32
CA LYS C 220 12.49 -30.67 -19.53
C LYS C 220 12.91 -30.58 -18.07
N VAL C 221 11.93 -30.65 -17.17
CA VAL C 221 12.20 -30.54 -15.73
C VAL C 221 11.96 -31.89 -15.05
N GLU C 222 13.03 -32.49 -14.54
CA GLU C 222 12.95 -33.79 -13.88
C GLU C 222 13.28 -33.68 -12.40
N PRO C 223 12.75 -34.62 -11.58
CA PRO C 223 13.09 -34.69 -10.16
C PRO C 223 14.58 -34.89 -9.92
N ASP D 1 -4.50 21.13 -25.15
CA ASP D 1 -4.60 19.70 -24.84
C ASP D 1 -5.43 19.48 -23.58
N ILE D 2 -6.41 18.58 -23.67
CA ILE D 2 -7.32 18.34 -22.55
C ILE D 2 -6.73 17.36 -21.55
N GLN D 3 -6.62 17.78 -20.29
CA GLN D 3 -6.04 16.96 -19.24
C GLN D 3 -7.11 16.15 -18.52
N MET D 4 -6.87 14.84 -18.42
CA MET D 4 -7.78 13.95 -17.73
C MET D 4 -7.18 13.52 -16.40
N THR D 5 -7.90 13.79 -15.30
CA THR D 5 -7.42 13.44 -13.97
C THR D 5 -8.30 12.35 -13.34
N GLN D 6 -7.67 11.27 -12.87
CA GLN D 6 -8.40 10.18 -12.26
C GLN D 6 -8.15 10.07 -10.77
N SER D 7 -9.15 9.59 -10.04
CA SER D 7 -9.04 9.40 -8.61
C SER D 7 -9.89 8.23 -8.16
N PRO D 8 -9.43 7.46 -7.16
CA PRO D 8 -8.10 7.59 -6.53
C PRO D 8 -7.00 6.96 -7.39
N SER D 9 -5.75 7.06 -6.95
CA SER D 9 -4.67 6.42 -7.69
C SER D 9 -4.75 4.91 -7.50
N SER D 10 -5.07 4.49 -6.27
CA SER D 10 -5.25 3.07 -5.96
C SER D 10 -6.27 2.89 -4.85
N LEU D 11 -6.93 1.74 -4.85
CA LEU D 11 -7.90 1.42 -3.82
C LEU D 11 -7.94 -0.08 -3.55
N SER D 12 -8.32 -0.44 -2.33
CA SER D 12 -8.52 -1.83 -1.95
C SER D 12 -9.95 -2.01 -1.47
N ALA D 13 -10.62 -3.05 -1.97
CA ALA D 13 -12.01 -3.31 -1.60
C ALA D 13 -12.32 -4.81 -1.60
N SER D 14 -13.42 -5.18 -0.94
CA SER D 14 -13.78 -6.58 -0.80
C SER D 14 -14.69 -7.04 -1.93
N VAL D 15 -14.73 -8.35 -2.16
CA VAL D 15 -15.62 -8.93 -3.15
C VAL D 15 -17.06 -8.59 -2.81
N GLY D 16 -17.82 -8.14 -3.81
CA GLY D 16 -19.21 -7.79 -3.61
C GLY D 16 -19.45 -6.33 -3.26
N ASP D 17 -18.37 -5.60 -2.96
CA ASP D 17 -18.50 -4.20 -2.58
C ASP D 17 -18.92 -3.32 -3.75
N ARG D 18 -19.54 -2.19 -3.42
CA ARG D 18 -19.85 -1.16 -4.40
C ARG D 18 -18.71 -0.14 -4.41
N VAL D 19 -18.07 0.00 -5.56
CA VAL D 19 -16.86 0.83 -5.69
C VAL D 19 -17.03 1.92 -6.74
N THR D 20 -16.64 3.14 -6.40
CA THR D 20 -16.76 4.28 -7.30
C THR D 20 -15.42 4.97 -7.54
N ILE D 21 -15.07 5.15 -8.81
CA ILE D 21 -13.86 5.90 -9.17
C ILE D 21 -14.23 7.13 -10.00
N THR D 22 -13.37 8.14 -9.98
CA THR D 22 -13.72 9.44 -10.54
C THR D 22 -12.78 9.87 -11.67
N CYS D 23 -13.33 10.56 -12.66
CA CYS D 23 -12.54 11.14 -13.73
C CYS D 23 -12.90 12.61 -13.87
N GLN D 24 -11.89 13.47 -13.97
CA GLN D 24 -12.13 14.90 -14.14
C GLN D 24 -11.38 15.45 -15.35
N ALA D 25 -12.10 16.17 -16.21
CA ALA D 25 -11.51 16.78 -17.39
C ALA D 25 -11.19 18.24 -17.15
N SER D 26 -10.12 18.73 -17.79
CA SER D 26 -9.68 20.11 -17.57
C SER D 26 -10.62 21.11 -18.23
N GLN D 27 -11.50 20.62 -19.09
CA GLN D 27 -12.53 21.47 -19.69
C GLN D 27 -13.77 20.66 -20.07
N ASP D 28 -14.84 21.35 -20.42
CA ASP D 28 -16.10 20.72 -20.80
C ASP D 28 -15.91 19.79 -21.99
N ILE D 29 -16.19 18.51 -21.79
CA ILE D 29 -16.09 17.53 -22.88
C ILE D 29 -17.42 16.85 -23.12
N LYS D 30 -18.50 17.46 -22.61
CA LYS D 30 -19.85 16.92 -22.71
C LYS D 30 -19.90 15.49 -22.17
N LYS D 31 -20.21 14.54 -23.03
CA LYS D 31 -20.21 13.13 -22.62
C LYS D 31 -19.25 12.29 -23.47
N TYR D 32 -18.29 12.95 -24.11
CA TYR D 32 -17.33 12.28 -24.96
C TYR D 32 -16.23 11.62 -24.12
N LEU D 33 -16.61 10.58 -23.38
CA LEU D 33 -15.68 9.88 -22.50
C LEU D 33 -15.81 8.37 -22.60
N ASN D 34 -14.67 7.69 -22.65
CA ASN D 34 -14.62 6.23 -22.60
C ASN D 34 -14.00 5.74 -21.30
N TRP D 35 -14.39 4.54 -20.87
CA TRP D 35 -13.73 3.86 -19.77
C TRP D 35 -13.14 2.53 -20.25
N TYR D 36 -11.91 2.23 -19.82
CA TYR D 36 -11.25 0.98 -20.16
C TYR D 36 -10.87 0.21 -18.90
N HIS D 37 -10.86 -1.12 -19.00
CA HIS D 37 -10.33 -1.96 -17.95
C HIS D 37 -9.12 -2.72 -18.49
N GLN D 38 -7.99 -2.61 -17.79
CA GLN D 38 -6.83 -3.43 -18.14
C GLN D 38 -6.48 -4.36 -17.00
N LYS D 39 -6.76 -5.64 -17.18
CA LYS D 39 -6.36 -6.66 -16.22
C LYS D 39 -4.85 -6.87 -16.29
N PRO D 40 -4.24 -7.30 -15.18
CA PRO D 40 -2.80 -7.58 -15.16
C PRO D 40 -2.37 -8.51 -16.29
N GLY D 41 -1.40 -8.08 -17.10
CA GLY D 41 -0.86 -8.90 -18.17
C GLY D 41 -1.69 -8.95 -19.44
N LYS D 42 -2.77 -8.18 -19.48
CA LYS D 42 -3.67 -8.21 -20.64
C LYS D 42 -3.77 -6.86 -21.33
N VAL D 43 -4.31 -6.86 -22.54
CA VAL D 43 -4.58 -5.63 -23.27
C VAL D 43 -5.78 -4.92 -22.65
N PRO D 44 -5.85 -3.59 -22.81
CA PRO D 44 -7.01 -2.85 -22.31
C PRO D 44 -8.31 -3.32 -22.97
N GLU D 45 -9.41 -3.23 -22.23
CA GLU D 45 -10.72 -3.56 -22.77
C GLU D 45 -11.66 -2.37 -22.64
N LEU D 46 -12.30 -1.99 -23.73
CA LEU D 46 -13.28 -0.90 -23.69
C LEU D 46 -14.53 -1.35 -22.93
N LEU D 47 -14.87 -0.64 -21.87
CA LEU D 47 -16.03 -0.98 -21.06
C LEU D 47 -17.29 -0.26 -21.53
N MET D 48 -17.15 1.04 -21.80
CA MET D 48 -18.28 1.84 -22.21
C MET D 48 -17.86 3.11 -22.93
N HIS D 49 -18.78 3.66 -23.72
CA HIS D 49 -18.54 4.87 -24.47
C HIS D 49 -19.66 5.87 -24.20
N ASP D 50 -19.47 7.12 -24.64
CA ASP D 50 -20.44 8.18 -24.38
C ASP D 50 -20.80 8.24 -22.90
N ALA D 51 -19.78 8.07 -22.06
CA ALA D 51 -19.85 8.19 -20.60
C ALA D 51 -20.64 7.08 -19.90
N SER D 52 -21.61 6.47 -20.57
CA SER D 52 -22.51 5.56 -19.87
C SER D 52 -23.03 4.38 -20.71
N ASN D 53 -22.61 4.31 -21.96
CA ASN D 53 -23.12 3.29 -22.87
C ASN D 53 -22.20 2.07 -22.92
N LEU D 54 -22.62 0.99 -22.25
CA LEU D 54 -21.80 -0.21 -22.14
C LEU D 54 -21.60 -0.91 -23.48
N GLU D 55 -20.39 -1.40 -23.71
CA GLU D 55 -20.13 -2.25 -24.86
C GLU D 55 -20.86 -3.58 -24.67
N THR D 56 -21.20 -4.25 -25.77
CA THR D 56 -21.88 -5.53 -25.69
C THR D 56 -21.01 -6.55 -24.96
N GLY D 57 -21.62 -7.35 -24.08
CA GLY D 57 -20.90 -8.38 -23.36
C GLY D 57 -20.27 -7.93 -22.05
N VAL D 58 -20.22 -6.62 -21.83
CA VAL D 58 -19.70 -6.07 -20.58
C VAL D 58 -20.69 -6.30 -19.44
N PRO D 59 -20.20 -6.81 -18.30
CA PRO D 59 -21.06 -7.13 -17.14
C PRO D 59 -21.89 -5.95 -16.64
N SER D 60 -23.12 -6.22 -16.22
CA SER D 60 -24.07 -5.19 -15.81
C SER D 60 -23.63 -4.41 -14.57
N ARG D 61 -22.69 -4.95 -13.81
CA ARG D 61 -22.25 -4.31 -12.56
C ARG D 61 -21.47 -3.02 -12.83
N PHE D 62 -21.09 -2.80 -14.08
CA PHE D 62 -20.42 -1.56 -14.47
C PHE D 62 -21.42 -0.52 -14.95
N SER D 63 -21.29 0.69 -14.45
CA SER D 63 -22.16 1.79 -14.89
C SER D 63 -21.40 3.12 -14.84
N GLY D 64 -21.61 3.96 -15.84
CA GLY D 64 -20.93 5.24 -15.91
C GLY D 64 -21.90 6.39 -15.80
N ARG D 65 -21.47 7.48 -15.17
CA ARG D 65 -22.29 8.68 -15.06
C ARG D 65 -21.44 9.93 -15.29
N GLY D 66 -22.12 11.05 -15.53
CA GLY D 66 -21.44 12.33 -15.61
C GLY D 66 -21.54 13.02 -16.95
N SER D 67 -21.25 14.32 -16.93
CA SER D 67 -21.21 15.14 -18.12
C SER D 67 -20.38 16.38 -17.83
N GLY D 68 -19.89 17.04 -18.87
CA GLY D 68 -19.09 18.24 -18.68
C GLY D 68 -17.68 17.91 -18.25
N THR D 69 -17.39 18.02 -16.96
CA THR D 69 -16.04 17.83 -16.47
C THR D 69 -15.92 16.74 -15.41
N ASP D 70 -17.04 16.35 -14.80
CA ASP D 70 -17.01 15.36 -13.73
C ASP D 70 -17.70 14.05 -14.14
N PHE D 71 -16.95 12.96 -14.03
CA PHE D 71 -17.45 11.65 -14.45
C PHE D 71 -17.12 10.61 -13.40
N THR D 72 -17.96 9.58 -13.31
CA THR D 72 -17.71 8.47 -12.42
C THR D 72 -17.97 7.13 -13.07
N LEU D 73 -17.18 6.14 -12.67
CA LEU D 73 -17.43 4.75 -13.01
C LEU D 73 -17.71 3.99 -11.72
N THR D 74 -18.80 3.24 -11.69
CA THR D 74 -19.20 2.52 -10.49
C THR D 74 -19.29 1.03 -10.75
N ILE D 75 -18.68 0.25 -9.87
CA ILE D 75 -18.81 -1.20 -9.89
C ILE D 75 -19.69 -1.59 -8.70
N SER D 76 -20.86 -2.15 -8.99
CA SER D 76 -21.87 -2.38 -7.97
C SER D 76 -21.67 -3.70 -7.20
N SER D 77 -20.76 -4.53 -7.68
CA SER D 77 -20.55 -5.85 -7.07
C SER D 77 -19.17 -6.38 -7.45
N LEU D 78 -18.14 -5.87 -6.78
CA LEU D 78 -16.76 -6.14 -7.14
C LEU D 78 -16.45 -7.64 -7.19
N GLN D 79 -15.92 -8.08 -8.33
CA GLN D 79 -15.53 -9.48 -8.51
C GLN D 79 -14.01 -9.60 -8.50
N PRO D 80 -13.48 -10.78 -8.18
CA PRO D 80 -12.03 -10.98 -8.17
C PRO D 80 -11.36 -10.58 -9.49
N GLU D 81 -12.02 -10.82 -10.62
CA GLU D 81 -11.44 -10.51 -11.92
C GLU D 81 -11.51 -9.01 -12.27
N ASP D 82 -12.10 -8.21 -11.39
CA ASP D 82 -12.19 -6.77 -11.62
C ASP D 82 -10.92 -6.03 -11.21
N ILE D 83 -9.92 -6.75 -10.72
CA ILE D 83 -8.66 -6.10 -10.36
C ILE D 83 -7.91 -5.62 -11.60
N GLY D 84 -6.91 -4.78 -11.38
CA GLY D 84 -6.12 -4.23 -12.46
C GLY D 84 -6.22 -2.72 -12.44
N THR D 85 -6.24 -2.12 -13.62
CA THR D 85 -6.26 -0.66 -13.73
C THR D 85 -7.39 -0.21 -14.64
N TYR D 86 -8.07 0.84 -14.22
CA TYR D 86 -9.15 1.43 -15.01
C TYR D 86 -8.69 2.78 -15.56
N TYR D 87 -8.98 3.02 -16.83
CA TYR D 87 -8.59 4.26 -17.49
C TYR D 87 -9.80 4.97 -18.10
N CYS D 88 -9.87 6.27 -17.93
CA CYS D 88 -10.84 7.06 -18.68
C CYS D 88 -10.12 7.68 -19.87
N GLN D 89 -10.87 8.10 -20.88
CA GLN D 89 -10.29 8.68 -22.07
C GLN D 89 -11.29 9.59 -22.78
N GLN D 90 -10.86 10.81 -23.11
CA GLN D 90 -11.74 11.76 -23.78
C GLN D 90 -11.54 11.71 -25.29
N TYR D 91 -12.59 12.06 -26.03
CA TYR D 91 -12.50 12.13 -27.48
C TYR D 91 -13.36 13.30 -27.98
N ASP D 92 -13.22 14.44 -27.31
CA ASP D 92 -13.99 15.63 -27.66
C ASP D 92 -13.42 16.38 -28.86
N ASN D 93 -14.11 16.27 -29.98
CA ASN D 93 -13.93 17.13 -31.17
C ASN D 93 -12.63 16.92 -31.96
N LEU D 94 -11.48 17.07 -31.31
CA LEU D 94 -10.19 16.96 -31.99
C LEU D 94 -9.14 16.29 -31.13
N PRO D 95 -8.25 15.51 -31.76
CA PRO D 95 -7.08 14.95 -31.08
C PRO D 95 -6.15 16.05 -30.58
N PRO D 96 -5.21 15.74 -29.66
CA PRO D 96 -4.90 14.40 -29.12
C PRO D 96 -5.99 13.82 -28.23
N LEU D 97 -6.27 12.53 -28.43
CA LEU D 97 -7.08 11.81 -27.47
C LEU D 97 -6.18 11.65 -26.26
N THR D 98 -6.73 11.80 -25.06
CA THR D 98 -5.91 11.68 -23.87
C THR D 98 -6.54 10.75 -22.84
N PHE D 99 -5.69 9.96 -22.21
CA PHE D 99 -6.08 9.06 -21.14
C PHE D 99 -5.90 9.72 -19.78
N GLY D 100 -6.72 9.32 -18.82
CA GLY D 100 -6.46 9.62 -17.42
C GLY D 100 -5.26 8.80 -16.97
N GLY D 101 -4.76 9.07 -15.78
CA GLY D 101 -3.56 8.41 -15.28
C GLY D 101 -3.78 6.99 -14.79
N GLY D 102 -5.04 6.62 -14.61
CA GLY D 102 -5.38 5.27 -14.19
C GLY D 102 -5.70 5.14 -12.72
N THR D 103 -6.53 4.15 -12.40
CA THR D 103 -6.90 3.83 -11.03
C THR D 103 -6.68 2.34 -10.79
N LYS D 104 -5.77 2.01 -9.89
CA LYS D 104 -5.47 0.62 -9.58
C LYS D 104 -6.45 0.05 -8.57
N VAL D 105 -6.96 -1.15 -8.85
CA VAL D 105 -7.92 -1.80 -7.96
C VAL D 105 -7.35 -3.10 -7.42
N GLU D 106 -7.36 -3.23 -6.09
CA GLU D 106 -6.92 -4.45 -5.43
C GLU D 106 -8.09 -5.06 -4.66
N ILE D 107 -8.10 -6.39 -4.54
CA ILE D 107 -9.10 -7.07 -3.74
C ILE D 107 -8.58 -7.33 -2.33
N LYS D 108 -9.36 -6.93 -1.34
CA LYS D 108 -9.07 -7.26 0.05
C LYS D 108 -9.78 -8.56 0.43
N ARG D 109 -9.00 -9.59 0.75
CA ARG D 109 -9.56 -10.89 1.09
C ARG D 109 -9.04 -11.37 2.44
N THR D 110 -9.46 -12.57 2.84
CA THR D 110 -9.00 -13.15 4.10
C THR D 110 -7.52 -13.49 4.03
N VAL D 111 -6.88 -13.46 5.19
CA VAL D 111 -5.46 -13.80 5.28
C VAL D 111 -5.20 -15.22 4.79
N ALA D 112 -4.19 -15.37 3.94
CA ALA D 112 -3.78 -16.68 3.46
C ALA D 112 -2.28 -16.87 3.62
N ALA D 113 -1.89 -17.91 4.34
CA ALA D 113 -0.47 -18.20 4.58
C ALA D 113 0.19 -18.78 3.33
N PRO D 114 1.44 -18.36 3.06
CA PRO D 114 2.17 -18.88 1.89
C PRO D 114 2.63 -20.33 2.07
N SER D 115 2.57 -21.11 1.00
CA SER D 115 3.26 -22.38 0.95
C SER D 115 4.69 -22.09 0.50
N VAL D 116 5.67 -22.65 1.20
CA VAL D 116 7.06 -22.31 0.92
C VAL D 116 7.83 -23.47 0.29
N PHE D 117 8.59 -23.17 -0.75
CA PHE D 117 9.42 -24.15 -1.44
C PHE D 117 10.81 -23.60 -1.63
N ILE D 118 11.82 -24.47 -1.59
CA ILE D 118 13.18 -24.04 -1.86
C ILE D 118 13.79 -24.91 -2.97
N PHE D 119 14.56 -24.28 -3.86
CA PHE D 119 15.16 -24.98 -4.98
C PHE D 119 16.66 -24.74 -5.01
N PRO D 120 17.45 -25.82 -4.83
CA PRO D 120 18.89 -25.72 -5.01
C PRO D 120 19.26 -25.39 -6.45
N PRO D 121 20.47 -24.86 -6.68
CA PRO D 121 20.90 -24.60 -8.06
C PRO D 121 21.07 -25.89 -8.87
N SER D 122 20.89 -25.80 -10.17
CA SER D 122 21.03 -26.97 -11.04
C SER D 122 22.50 -27.28 -11.30
N ASP D 123 22.78 -28.52 -11.66
CA ASP D 123 24.13 -28.94 -12.02
C ASP D 123 24.61 -28.15 -13.23
N GLU D 124 23.69 -27.93 -14.18
CA GLU D 124 23.99 -27.20 -15.40
C GLU D 124 24.47 -25.78 -15.12
N GLN D 125 23.85 -25.12 -14.16
CA GLN D 125 24.26 -23.76 -13.81
C GLN D 125 25.59 -23.77 -13.06
N LEU D 126 25.79 -24.79 -12.23
CA LEU D 126 27.02 -24.90 -11.46
C LEU D 126 28.24 -25.04 -12.37
N LYS D 127 28.06 -25.68 -13.52
CA LYS D 127 29.15 -25.79 -14.50
C LYS D 127 29.56 -24.41 -15.01
N SER D 128 28.62 -23.47 -14.99
CA SER D 128 28.85 -22.12 -15.48
C SER D 128 29.60 -21.26 -14.46
N GLY D 129 29.62 -21.72 -13.21
CA GLY D 129 30.32 -21.00 -12.16
C GLY D 129 29.43 -20.07 -11.37
N THR D 130 28.12 -20.29 -11.47
CA THR D 130 27.15 -19.47 -10.75
C THR D 130 26.12 -20.38 -10.07
N ALA D 131 25.69 -19.99 -8.88
CA ALA D 131 24.67 -20.74 -8.16
C ALA D 131 23.50 -19.85 -7.77
N SER D 132 22.32 -20.14 -8.33
CA SER D 132 21.11 -19.44 -7.94
C SER D 132 20.24 -20.34 -7.08
N VAL D 133 20.00 -19.92 -5.84
CA VAL D 133 19.10 -20.62 -4.94
C VAL D 133 17.76 -19.90 -4.89
N VAL D 134 16.68 -20.63 -5.11
CA VAL D 134 15.36 -20.01 -5.22
C VAL D 134 14.43 -20.40 -4.08
N CYS D 135 13.79 -19.40 -3.48
CA CYS D 135 12.76 -19.62 -2.48
C CYS D 135 11.42 -19.13 -3.03
N LEU D 136 10.43 -20.01 -3.06
CA LEU D 136 9.10 -19.67 -3.57
C LEU D 136 8.07 -19.58 -2.46
N LEU D 137 7.34 -18.47 -2.45
CA LEU D 137 6.19 -18.28 -1.56
C LEU D 137 4.94 -18.29 -2.42
N ASN D 138 4.08 -19.29 -2.25
CA ASN D 138 2.97 -19.48 -3.17
C ASN D 138 1.61 -19.16 -2.57
N ASN D 139 0.82 -18.39 -3.31
CA ASN D 139 -0.59 -18.13 -3.02
C ASN D 139 -0.86 -17.63 -1.61
N PHE D 140 -0.41 -16.42 -1.29
CA PHE D 140 -0.61 -15.86 0.04
C PHE D 140 -1.30 -14.49 -0.01
N TYR D 141 -1.80 -14.07 1.16
CA TYR D 141 -2.39 -12.74 1.33
C TYR D 141 -2.33 -12.38 2.81
N PRO D 142 -1.98 -11.13 3.14
CA PRO D 142 -1.69 -10.00 2.23
C PRO D 142 -0.31 -10.04 1.59
N ARG D 143 -0.07 -9.06 0.73
CA ARG D 143 1.15 -8.98 -0.07
C ARG D 143 2.42 -8.93 0.77
N GLU D 144 2.36 -8.25 1.90
CA GLU D 144 3.53 -8.04 2.75
C GLU D 144 4.07 -9.34 3.35
N ALA D 145 5.35 -9.60 3.11
CA ALA D 145 6.03 -10.76 3.67
C ALA D 145 7.52 -10.50 3.78
N LYS D 146 8.16 -11.14 4.75
CA LYS D 146 9.61 -11.03 4.90
C LYS D 146 10.28 -12.37 4.61
N VAL D 147 11.23 -12.35 3.69
CA VAL D 147 12.00 -13.54 3.35
C VAL D 147 13.46 -13.30 3.67
N GLN D 148 14.03 -14.17 4.50
CA GLN D 148 15.42 -14.04 4.90
C GLN D 148 16.24 -15.26 4.49
N TRP D 149 17.41 -15.02 3.93
CA TRP D 149 18.32 -16.09 3.58
C TRP D 149 19.31 -16.34 4.70
N LYS D 150 19.59 -17.61 4.97
CA LYS D 150 20.60 -17.99 5.93
C LYS D 150 21.50 -19.07 5.33
N VAL D 151 22.81 -18.85 5.45
CA VAL D 151 23.79 -19.78 4.92
C VAL D 151 24.69 -20.24 6.06
N ASP D 152 24.71 -21.55 6.30
CA ASP D 152 25.31 -22.12 7.49
C ASP D 152 24.80 -21.38 8.73
N ASN D 153 23.49 -21.13 8.73
CA ASN D 153 22.78 -20.47 9.82
C ASN D 153 23.11 -18.98 9.99
N ALA D 154 23.85 -18.42 9.05
CA ALA D 154 24.23 -17.01 9.12
C ALA D 154 23.39 -16.16 8.18
N LEU D 155 22.78 -15.10 8.71
CA LEU D 155 21.91 -14.23 7.94
C LEU D 155 22.65 -13.56 6.79
N GLN D 156 22.00 -13.52 5.63
CA GLN D 156 22.61 -12.98 4.42
C GLN D 156 22.06 -11.60 4.07
N SER D 157 22.86 -10.82 3.34
CA SER D 157 22.43 -9.50 2.89
C SER D 157 23.17 -9.07 1.63
N GLY D 158 22.44 -8.43 0.72
CA GLY D 158 23.02 -7.86 -0.48
C GLY D 158 23.19 -8.81 -1.65
N ASN D 159 22.85 -10.08 -1.44
CA ASN D 159 23.03 -11.08 -2.48
C ASN D 159 21.73 -11.78 -2.88
N SER D 160 20.61 -11.08 -2.72
CA SER D 160 19.32 -11.64 -3.11
C SER D 160 18.39 -10.60 -3.73
N GLN D 161 17.52 -11.06 -4.62
CA GLN D 161 16.50 -10.20 -5.22
C GLN D 161 15.14 -10.87 -5.14
N GLU D 162 14.09 -10.07 -4.96
CA GLU D 162 12.73 -10.59 -4.89
C GLU D 162 11.90 -10.15 -6.09
N SER D 163 10.96 -11.01 -6.46
CA SER D 163 9.96 -10.67 -7.46
C SER D 163 8.59 -11.10 -6.96
N VAL D 164 7.60 -10.24 -7.12
CA VAL D 164 6.25 -10.58 -6.67
C VAL D 164 5.27 -10.43 -7.83
N THR D 165 4.35 -11.37 -7.95
CA THR D 165 3.35 -11.34 -9.00
C THR D 165 2.32 -10.25 -8.76
N GLU D 166 1.59 -9.90 -9.81
CA GLU D 166 0.38 -9.11 -9.66
C GLU D 166 -0.63 -9.98 -8.93
N GLN D 167 -1.66 -9.36 -8.37
CA GLN D 167 -2.68 -10.12 -7.66
C GLN D 167 -3.39 -11.08 -8.61
N ASP D 168 -3.65 -12.30 -8.15
CA ASP D 168 -4.30 -13.30 -8.98
C ASP D 168 -5.77 -12.95 -9.22
N SER D 169 -6.21 -13.06 -10.46
CA SER D 169 -7.57 -12.63 -10.83
C SER D 169 -8.64 -13.66 -10.45
N LYS D 170 -8.24 -14.73 -9.78
CA LYS D 170 -9.19 -15.77 -9.38
C LYS D 170 -9.34 -15.90 -7.86
N ASP D 171 -8.23 -16.07 -7.15
CA ASP D 171 -8.28 -16.24 -5.70
C ASP D 171 -7.71 -15.03 -4.96
N SER D 172 -7.31 -14.01 -5.72
CA SER D 172 -6.87 -12.73 -5.17
C SER D 172 -5.63 -12.83 -4.28
N THR D 173 -4.78 -13.82 -4.55
CA THR D 173 -3.57 -13.99 -3.76
C THR D 173 -2.35 -13.47 -4.51
N TYR D 174 -1.22 -13.46 -3.81
CA TYR D 174 0.07 -13.11 -4.41
C TYR D 174 1.02 -14.29 -4.31
N SER D 175 2.03 -14.32 -5.18
CA SER D 175 3.14 -15.24 -5.03
C SER D 175 4.44 -14.45 -5.08
N LEU D 176 5.48 -14.97 -4.44
CA LEU D 176 6.75 -14.27 -4.37
C LEU D 176 7.91 -15.24 -4.57
N SER D 177 8.93 -14.80 -5.30
CA SER D 177 10.16 -15.55 -5.41
C SER D 177 11.33 -14.74 -4.87
N SER D 178 12.20 -15.39 -4.12
CA SER D 178 13.44 -14.77 -3.68
C SER D 178 14.60 -15.61 -4.17
N THR D 179 15.54 -14.97 -4.87
CA THR D 179 16.65 -15.70 -5.46
C THR D 179 17.98 -15.29 -4.86
N LEU D 180 18.66 -16.26 -4.25
CA LEU D 180 20.01 -16.06 -3.73
C LEU D 180 21.03 -16.46 -4.78
N THR D 181 21.89 -15.53 -5.16
CA THR D 181 22.88 -15.81 -6.19
C THR D 181 24.30 -15.67 -5.66
N LEU D 182 25.08 -16.74 -5.83
CA LEU D 182 26.48 -16.75 -5.42
C LEU D 182 27.32 -17.30 -6.56
N SER D 183 28.62 -17.02 -6.53
CA SER D 183 29.53 -17.70 -7.43
C SER D 183 29.58 -19.17 -6.99
N LYS D 184 29.99 -20.05 -7.89
CA LYS D 184 30.10 -21.47 -7.57
C LYS D 184 31.06 -21.69 -6.41
N ALA D 185 32.14 -20.92 -6.40
CA ALA D 185 33.16 -21.03 -5.35
C ALA D 185 32.59 -20.72 -3.97
N ASP D 186 31.80 -19.66 -3.87
CA ASP D 186 31.21 -19.27 -2.59
C ASP D 186 30.13 -20.27 -2.17
N TYR D 187 29.36 -20.75 -3.13
CA TYR D 187 28.31 -21.71 -2.86
C TYR D 187 28.84 -23.00 -2.24
N GLU D 188 29.95 -23.50 -2.78
CA GLU D 188 30.49 -24.78 -2.35
C GLU D 188 31.37 -24.66 -1.10
N LYS D 189 31.46 -23.45 -0.55
CA LYS D 189 32.20 -23.24 0.68
C LYS D 189 31.29 -23.30 1.91
N HIS D 190 30.02 -23.65 1.68
CA HIS D 190 29.06 -23.78 2.78
C HIS D 190 28.20 -25.03 2.61
N LYS D 191 27.55 -25.45 3.70
CA LYS D 191 26.85 -26.72 3.73
C LYS D 191 25.32 -26.60 3.64
N VAL D 192 24.75 -25.71 4.43
CA VAL D 192 23.30 -25.63 4.53
C VAL D 192 22.75 -24.29 4.04
N TYR D 193 21.69 -24.35 3.23
CA TYR D 193 21.05 -23.16 2.70
C TYR D 193 19.59 -23.14 3.11
N ALA D 194 19.13 -21.99 3.60
CA ALA D 194 17.79 -21.89 4.16
C ALA D 194 17.15 -20.54 3.90
N CYS D 195 15.86 -20.54 3.59
CA CYS D 195 15.10 -19.30 3.54
C CYS D 195 14.03 -19.32 4.62
N GLU D 196 14.02 -18.28 5.45
CA GLU D 196 13.06 -18.16 6.54
C GLU D 196 11.96 -17.16 6.17
N VAL D 197 10.71 -17.58 6.30
CA VAL D 197 9.58 -16.76 5.87
C VAL D 197 8.71 -16.34 7.04
N THR D 198 8.43 -15.04 7.14
CA THR D 198 7.50 -14.53 8.13
C THR D 198 6.34 -13.83 7.44
N HIS D 199 5.12 -14.19 7.83
CA HIS D 199 3.93 -13.66 7.21
C HIS D 199 2.80 -13.64 8.23
N GLN D 200 1.81 -12.79 8.02
CA GLN D 200 0.72 -12.63 8.98
C GLN D 200 -0.10 -13.91 9.14
N GLY D 201 -0.07 -14.76 8.12
CA GLY D 201 -0.80 -16.01 8.15
C GLY D 201 -0.07 -17.13 8.89
N LEU D 202 1.17 -16.88 9.26
CA LEU D 202 1.99 -17.88 9.94
C LEU D 202 2.20 -17.51 11.41
N SER D 203 1.82 -18.43 12.30
CA SER D 203 1.95 -18.22 13.74
C SER D 203 3.41 -17.97 14.14
N SER D 204 4.31 -18.72 13.51
CA SER D 204 5.74 -18.54 13.70
C SER D 204 6.43 -18.66 12.35
N PRO D 205 7.61 -18.03 12.20
CA PRO D 205 8.39 -18.10 10.96
C PRO D 205 8.55 -19.52 10.43
N VAL D 206 8.45 -19.68 9.11
CA VAL D 206 8.62 -20.97 8.47
C VAL D 206 9.95 -21.03 7.74
N THR D 207 10.73 -22.06 8.02
CA THR D 207 12.04 -22.24 7.40
C THR D 207 12.07 -23.47 6.51
N LYS D 208 12.51 -23.28 5.27
CA LYS D 208 12.77 -24.40 4.37
C LYS D 208 14.26 -24.41 4.04
N SER D 209 14.87 -25.59 4.11
CA SER D 209 16.32 -25.69 3.94
C SER D 209 16.77 -26.96 3.26
N PHE D 210 18.01 -26.96 2.81
CA PHE D 210 18.65 -28.16 2.29
C PHE D 210 20.14 -28.13 2.62
N ASN D 211 20.76 -29.30 2.60
CA ASN D 211 22.20 -29.40 2.72
C ASN D 211 22.79 -29.79 1.37
N ARG D 212 23.89 -29.14 0.99
CA ARG D 212 24.62 -29.55 -0.21
C ARG D 212 24.97 -31.02 -0.11
N GLY D 213 24.85 -31.74 -1.22
CA GLY D 213 25.04 -33.17 -1.20
C GLY D 213 23.75 -33.86 -0.81
N GLU D 214 22.67 -33.09 -0.79
CA GLU D 214 21.33 -33.60 -0.51
C GLU D 214 21.23 -34.29 0.84
#